data_2P3N
#
_entry.id   2P3N
#
_cell.length_a   62.024
_cell.length_b   103.873
_cell.length_c   80.512
_cell.angle_alpha   90.00
_cell.angle_beta   101.93
_cell.angle_gamma   90.00
#
_symmetry.space_group_name_H-M   'P 1 21 1'
#
loop_
_entity.id
_entity.type
_entity.pdbx_description
1 polymer Inositol-1-monophosphatase
2 non-polymer 'MAGNESIUM ION'
3 water water
#
_entity_poly.entity_id   1
_entity_poly.type   'polypeptide(L)'
_entity_poly.pdbx_seq_one_letter_code
;MDRLDFSIKLLRKVGHLLMIHWGRVDNVEKKTGFKDIVTEIDREAQRMIVDEIRKFFPDENIMAEEGIFEKGDRLWIIDP
IDGTINFVHGLPNFSISLAYVENGEVKLGVVHAPALNETLYAEEGSGAFFNGERIRVSENASLEECVGSTGSYVDFTGKF
IERMEKRTRRIRILGSAALNAAYVGAGRVDFFVTWRINPWDIAAGLIIVKEAGGMVTDFSGKEANAFSKNFIFSNGLIHD
EVVKVVNEVVEEIGGK
;
_entity_poly.pdbx_strand_id   A,B,C,D
#
# COMPACT_ATOMS: atom_id res chain seq x y z
N MET A 1 -14.81 -5.71 19.56
CA MET A 1 -16.10 -6.47 19.50
C MET A 1 -16.93 -6.14 18.26
N ASP A 2 -18.26 -6.09 18.46
CA ASP A 2 -19.19 -5.77 17.39
C ASP A 2 -18.90 -4.31 17.05
N ARG A 3 -18.93 -3.45 18.07
CA ARG A 3 -18.69 -2.04 17.89
C ARG A 3 -17.32 -1.73 17.32
N LEU A 4 -16.28 -2.32 17.88
CA LEU A 4 -14.92 -2.07 17.39
C LEU A 4 -14.76 -2.47 15.93
N ASP A 5 -15.17 -3.70 15.61
CA ASP A 5 -15.07 -4.23 14.25
C ASP A 5 -15.85 -3.39 13.24
N PHE A 6 -17.04 -2.97 13.67
CA PHE A 6 -17.95 -2.16 12.89
C PHE A 6 -17.27 -0.83 12.55
N SER A 7 -16.63 -0.26 13.55
CA SER A 7 -15.93 1.00 13.42
C SER A 7 -14.75 0.91 12.48
N ILE A 8 -13.97 -0.14 12.64
CA ILE A 8 -12.80 -0.35 11.79
C ILE A 8 -13.22 -0.48 10.34
N LYS A 9 -14.18 -1.35 10.06
CA LYS A 9 -14.63 -1.54 8.69
C LYS A 9 -15.32 -0.33 8.09
N LEU A 10 -15.98 0.47 8.93
CA LEU A 10 -16.69 1.66 8.48
C LEU A 10 -15.69 2.73 8.08
N LEU A 11 -14.73 2.99 8.95
CA LEU A 11 -13.75 4.02 8.64
C LEU A 11 -12.86 3.60 7.48
N ARG A 12 -12.64 2.29 7.34
CA ARG A 12 -11.83 1.79 6.26
C ARG A 12 -12.54 1.94 4.93
N LYS A 13 -13.85 1.83 4.95
CA LYS A 13 -14.66 1.97 3.74
C LYS A 13 -14.75 3.45 3.35
N VAL A 14 -15.13 4.28 4.32
CA VAL A 14 -15.24 5.71 4.08
C VAL A 14 -13.89 6.28 3.66
N GLY A 15 -12.81 5.73 4.22
CA GLY A 15 -11.49 6.21 3.88
C GLY A 15 -11.27 6.27 2.39
N HIS A 16 -11.88 5.34 1.66
CA HIS A 16 -11.74 5.29 0.21
C HIS A 16 -12.46 6.42 -0.51
N LEU A 17 -13.56 6.89 0.06
CA LEU A 17 -14.30 7.98 -0.54
C LEU A 17 -13.43 9.21 -0.44
N LEU A 18 -12.69 9.33 0.66
CA LEU A 18 -11.82 10.47 0.88
C LEU A 18 -10.66 10.45 -0.09
N MET A 19 -10.20 9.26 -0.45
CA MET A 19 -9.09 9.11 -1.37
C MET A 19 -9.44 9.61 -2.76
N ILE A 20 -10.72 9.50 -3.12
CA ILE A 20 -11.18 9.96 -4.40
C ILE A 20 -10.88 11.45 -4.54
N HIS A 21 -11.11 12.18 -3.47
CA HIS A 21 -10.96 13.62 -3.45
C HIS A 21 -9.70 14.21 -2.83
N TRP A 22 -8.85 13.35 -2.31
CA TRP A 22 -7.63 13.80 -1.66
C TRP A 22 -6.85 14.76 -2.55
N GLY A 23 -6.50 15.92 -1.98
CA GLY A 23 -5.77 16.95 -2.70
C GLY A 23 -6.51 17.50 -3.91
N ARG A 24 -7.74 17.05 -4.13
CA ARG A 24 -8.50 17.48 -5.28
C ARG A 24 -9.85 18.11 -4.97
N VAL A 25 -9.98 18.81 -3.84
CA VAL A 25 -11.23 19.49 -3.53
C VAL A 25 -11.07 20.96 -3.88
N ASP A 26 -11.80 21.42 -4.88
CA ASP A 26 -11.72 22.80 -5.32
C ASP A 26 -12.52 23.77 -4.45
N ASN A 27 -13.56 23.23 -3.82
CA ASN A 27 -14.45 23.99 -2.96
C ASN A 27 -14.03 24.13 -1.48
N VAL A 28 -13.03 24.97 -1.19
CA VAL A 28 -12.63 25.13 0.21
C VAL A 28 -13.51 26.19 0.89
N GLU A 29 -14.08 25.83 2.04
CA GLU A 29 -14.96 26.71 2.80
C GLU A 29 -14.38 27.06 4.17
N LYS A 30 -14.48 28.34 4.56
CA LYS A 30 -13.96 28.80 5.84
C LYS A 30 -15.03 28.74 6.93
N LYS A 31 -14.68 28.30 8.12
CA LYS A 31 -15.66 28.21 9.21
C LYS A 31 -15.51 29.41 10.15
N THR A 32 -14.29 29.68 10.60
CA THR A 32 -14.06 30.82 11.48
C THR A 32 -12.73 31.48 11.12
N GLY A 33 -12.32 31.30 9.88
CA GLY A 33 -11.07 31.87 9.41
C GLY A 33 -10.52 31.02 8.28
N PHE A 34 -9.30 31.34 7.85
CA PHE A 34 -8.65 30.59 6.77
C PHE A 34 -7.91 29.36 7.30
N LYS A 35 -7.63 29.34 8.60
CA LYS A 35 -6.92 28.22 9.24
C LYS A 35 -7.91 27.16 9.72
N ASP A 36 -9.19 27.50 9.66
CA ASP A 36 -10.24 26.59 10.10
C ASP A 36 -11.27 26.41 8.99
N ILE A 37 -10.99 25.46 8.10
CA ILE A 37 -11.86 25.21 6.95
C ILE A 37 -12.60 23.87 6.98
N VAL A 38 -13.56 23.74 6.07
CA VAL A 38 -14.33 22.54 5.93
C VAL A 38 -14.66 22.44 4.44
N THR A 39 -14.92 21.22 3.98
CA THR A 39 -15.26 21.00 2.58
C THR A 39 -16.54 20.19 2.49
N GLU A 40 -17.01 19.98 1.26
CA GLU A 40 -18.22 19.21 1.03
C GLU A 40 -17.94 17.73 1.27
N ILE A 41 -16.65 17.34 1.22
CA ILE A 41 -16.30 15.94 1.43
C ILE A 41 -16.27 15.63 2.93
N ASP A 42 -16.02 16.64 3.76
CA ASP A 42 -16.03 16.46 5.20
C ASP A 42 -17.46 16.00 5.55
N ARG A 43 -18.43 16.69 4.96
CA ARG A 43 -19.86 16.42 5.18
C ARG A 43 -20.33 15.11 4.58
N GLU A 44 -19.89 14.83 3.35
CA GLU A 44 -20.28 13.62 2.68
C GLU A 44 -19.73 12.43 3.47
N ALA A 45 -18.52 12.58 3.99
CA ALA A 45 -17.88 11.53 4.76
C ALA A 45 -18.63 11.34 6.06
N GLN A 46 -19.07 12.45 6.64
CA GLN A 46 -19.80 12.42 7.89
C GLN A 46 -21.18 11.78 7.71
N ARG A 47 -21.80 12.06 6.57
CA ARG A 47 -23.13 11.49 6.29
C ARG A 47 -22.98 9.99 6.17
N MET A 48 -21.99 9.59 5.38
CA MET A 48 -21.73 8.18 5.18
C MET A 48 -21.62 7.46 6.53
N ILE A 49 -20.83 8.05 7.44
CA ILE A 49 -20.63 7.45 8.76
C ILE A 49 -21.88 7.50 9.64
N VAL A 50 -22.37 8.72 9.88
CA VAL A 50 -23.56 8.94 10.72
C VAL A 50 -24.73 8.07 10.34
N ASP A 51 -24.90 7.86 9.04
CA ASP A 51 -26.00 7.04 8.54
C ASP A 51 -25.87 5.57 8.94
N GLU A 52 -24.65 5.05 8.93
CA GLU A 52 -24.47 3.64 9.31
C GLU A 52 -24.64 3.45 10.80
N ILE A 53 -24.19 4.42 11.58
CA ILE A 53 -24.33 4.34 13.01
C ILE A 53 -25.83 4.42 13.31
N ARG A 54 -26.49 5.45 12.77
CA ARG A 54 -27.92 5.64 12.98
C ARG A 54 -28.72 4.39 12.59
N LYS A 55 -28.16 3.62 11.67
CA LYS A 55 -28.80 2.41 11.19
C LYS A 55 -28.66 1.23 12.14
N PHE A 56 -27.45 1.01 12.65
CA PHE A 56 -27.20 -0.11 13.54
C PHE A 56 -27.28 0.22 15.02
N PHE A 57 -27.28 1.51 15.33
CA PHE A 57 -27.36 1.93 16.73
C PHE A 57 -28.47 2.97 16.83
N PRO A 58 -29.68 2.59 16.38
CA PRO A 58 -30.91 3.37 16.35
C PRO A 58 -31.09 4.47 17.38
N ASP A 59 -31.15 4.12 18.66
CA ASP A 59 -31.36 5.14 19.67
C ASP A 59 -30.13 5.51 20.48
N GLU A 60 -29.06 5.85 19.78
CA GLU A 60 -27.83 6.26 20.45
C GLU A 60 -27.46 7.61 19.89
N ASN A 61 -26.74 8.42 20.65
CA ASN A 61 -26.41 9.75 20.19
C ASN A 61 -25.13 9.91 19.39
N ILE A 62 -25.07 11.00 18.62
CA ILE A 62 -23.93 11.30 17.78
C ILE A 62 -23.46 12.72 18.00
N MET A 63 -22.15 12.88 18.06
CA MET A 63 -21.57 14.21 18.20
C MET A 63 -20.53 14.20 17.10
N ALA A 64 -20.83 14.91 16.02
CA ALA A 64 -19.94 14.98 14.87
C ALA A 64 -19.49 16.42 14.63
N GLU A 65 -18.20 16.58 14.34
CA GLU A 65 -17.64 17.91 14.11
C GLU A 65 -18.55 18.79 13.27
N GLU A 66 -18.80 18.38 12.05
CA GLU A 66 -19.62 19.14 11.14
C GLU A 66 -21.11 19.17 11.45
N GLY A 67 -21.51 19.88 12.49
CA GLY A 67 -22.93 19.98 12.79
C GLY A 67 -23.62 19.24 13.93
N ILE A 68 -23.65 17.91 13.89
CA ILE A 68 -24.33 17.13 14.93
C ILE A 68 -23.66 17.21 16.29
N PHE A 69 -24.32 17.86 17.25
CA PHE A 69 -23.76 18.01 18.60
C PHE A 69 -24.64 17.46 19.72
N GLU A 70 -25.14 16.24 19.57
CA GLU A 70 -26.00 15.65 20.58
C GLU A 70 -25.30 15.30 21.90
N LYS A 71 -26.11 14.78 22.84
CA LYS A 71 -25.67 14.37 24.16
C LYS A 71 -26.36 13.05 24.51
N GLY A 72 -25.64 12.19 25.24
CA GLY A 72 -26.20 10.92 25.62
C GLY A 72 -25.22 10.10 26.45
N ASP A 73 -25.73 9.07 27.10
CA ASP A 73 -24.89 8.19 27.91
C ASP A 73 -24.30 7.15 27.00
N ARG A 74 -24.69 7.24 25.73
CA ARG A 74 -24.22 6.37 24.67
C ARG A 74 -24.04 7.30 23.49
N LEU A 75 -22.84 7.89 23.42
CA LEU A 75 -22.52 8.85 22.38
C LEU A 75 -21.30 8.51 21.51
N TRP A 76 -21.50 8.55 20.19
CA TRP A 76 -20.42 8.29 19.24
C TRP A 76 -19.85 9.63 18.78
N ILE A 77 -18.55 9.85 18.99
CA ILE A 77 -17.96 11.12 18.56
C ILE A 77 -17.22 10.91 17.25
N ILE A 78 -17.61 11.70 16.26
CA ILE A 78 -17.07 11.58 14.91
C ILE A 78 -16.35 12.79 14.35
N ASP A 79 -15.20 12.55 13.75
CA ASP A 79 -14.49 13.61 13.07
C ASP A 79 -14.36 13.05 11.65
N PRO A 80 -15.22 13.51 10.73
CA PRO A 80 -15.18 13.05 9.35
C PRO A 80 -13.80 13.19 8.69
N ILE A 81 -13.10 14.28 8.96
CA ILE A 81 -11.76 14.47 8.41
C ILE A 81 -10.93 15.26 9.38
N ASP A 82 -10.04 14.57 10.09
CA ASP A 82 -9.18 15.25 11.04
C ASP A 82 -7.92 15.62 10.26
N GLY A 83 -7.81 16.88 9.89
CA GLY A 83 -6.66 17.33 9.13
C GLY A 83 -7.15 17.74 7.75
N THR A 84 -8.24 18.49 7.73
CA THR A 84 -8.86 18.95 6.49
C THR A 84 -7.92 19.80 5.62
N ILE A 85 -7.01 20.53 6.26
CA ILE A 85 -6.07 21.36 5.52
C ILE A 85 -5.14 20.46 4.72
N ASN A 86 -4.56 19.48 5.42
CA ASN A 86 -3.67 18.53 4.78
C ASN A 86 -4.42 17.86 3.63
N PHE A 87 -5.60 17.35 3.97
CA PHE A 87 -6.48 16.68 3.02
C PHE A 87 -6.64 17.49 1.73
N VAL A 88 -6.85 18.79 1.89
CA VAL A 88 -7.02 19.70 0.76
C VAL A 88 -5.76 19.91 -0.05
N HIS A 89 -4.61 20.04 0.62
CA HIS A 89 -3.37 20.28 -0.10
C HIS A 89 -2.74 19.03 -0.67
N GLY A 90 -3.22 17.88 -0.21
CA GLY A 90 -2.69 16.63 -0.74
C GLY A 90 -1.69 15.93 0.16
N LEU A 91 -1.55 16.40 1.39
CA LEU A 91 -0.64 15.74 2.33
C LEU A 91 -1.34 14.53 2.89
N PRO A 92 -0.60 13.42 3.06
CA PRO A 92 -1.15 12.16 3.60
C PRO A 92 -1.56 12.13 5.07
N ASN A 93 -1.17 13.13 5.85
CA ASN A 93 -1.51 13.13 7.27
C ASN A 93 -2.90 13.63 7.64
N PHE A 94 -3.90 12.83 7.30
CA PHE A 94 -5.27 13.14 7.64
C PHE A 94 -5.89 11.81 8.02
N SER A 95 -6.96 11.84 8.82
CA SER A 95 -7.60 10.62 9.26
C SER A 95 -9.07 10.80 9.58
N ILE A 96 -9.73 9.68 9.86
CA ILE A 96 -11.15 9.66 10.23
C ILE A 96 -11.14 9.14 11.65
N SER A 97 -11.88 9.78 12.54
CA SER A 97 -11.88 9.32 13.92
C SER A 97 -13.28 8.98 14.42
N LEU A 98 -13.36 7.88 15.16
CA LEU A 98 -14.62 7.41 15.74
C LEU A 98 -14.42 6.87 17.15
N ALA A 99 -14.96 7.58 18.14
CA ALA A 99 -14.87 7.13 19.53
C ALA A 99 -16.27 6.83 20.03
N TYR A 100 -16.41 5.79 20.85
CA TYR A 100 -17.72 5.47 21.42
C TYR A 100 -17.66 5.71 22.93
N VAL A 101 -18.24 6.82 23.34
CA VAL A 101 -18.28 7.24 24.72
C VAL A 101 -19.55 6.74 25.40
N GLU A 102 -19.41 6.12 26.56
CA GLU A 102 -20.55 5.65 27.31
C GLU A 102 -20.48 6.27 28.69
N ASN A 103 -21.57 6.92 29.09
CA ASN A 103 -21.62 7.58 30.38
C ASN A 103 -20.40 8.47 30.48
N GLY A 104 -20.14 9.21 29.40
CA GLY A 104 -19.01 10.12 29.38
C GLY A 104 -17.66 9.42 29.40
N GLU A 105 -17.67 8.10 29.24
CA GLU A 105 -16.43 7.34 29.26
C GLU A 105 -16.10 6.72 27.92
N VAL A 106 -14.92 7.04 27.38
CA VAL A 106 -14.49 6.49 26.10
C VAL A 106 -14.27 4.98 26.27
N LYS A 107 -15.09 4.20 25.58
CA LYS A 107 -15.02 2.75 25.64
C LYS A 107 -14.34 2.14 24.42
N LEU A 108 -14.25 2.93 23.35
CA LEU A 108 -13.68 2.46 22.11
C LEU A 108 -13.17 3.63 21.28
N GLY A 109 -12.08 3.41 20.57
CA GLY A 109 -11.52 4.46 19.73
C GLY A 109 -10.88 3.89 18.48
N VAL A 110 -11.05 4.56 17.36
CA VAL A 110 -10.43 4.10 16.13
C VAL A 110 -10.06 5.31 15.28
N VAL A 111 -8.83 5.30 14.76
CA VAL A 111 -8.33 6.37 13.91
C VAL A 111 -7.84 5.71 12.62
N HIS A 112 -8.29 6.20 11.48
CA HIS A 112 -7.89 5.61 10.21
C HIS A 112 -7.34 6.62 9.21
N ALA A 113 -6.01 6.60 9.02
CA ALA A 113 -5.35 7.48 8.08
C ALA A 113 -5.38 6.72 6.76
N PRO A 114 -6.29 7.13 5.87
CA PRO A 114 -6.49 6.52 4.54
C PRO A 114 -5.28 6.44 3.61
N ALA A 115 -4.65 7.58 3.36
CA ALA A 115 -3.50 7.60 2.45
C ALA A 115 -2.31 6.82 2.98
N LEU A 116 -2.33 6.50 4.27
CA LEU A 116 -1.21 5.78 4.84
C LEU A 116 -1.53 4.33 5.09
N ASN A 117 -2.81 3.98 5.04
CA ASN A 117 -3.26 2.62 5.32
C ASN A 117 -2.89 2.23 6.75
N GLU A 118 -3.09 3.18 7.66
CA GLU A 118 -2.81 2.94 9.06
C GLU A 118 -4.10 3.01 9.83
N THR A 119 -4.40 1.94 10.56
CA THR A 119 -5.60 1.90 11.36
C THR A 119 -5.20 1.57 12.79
N LEU A 120 -5.27 2.59 13.64
CA LEU A 120 -4.93 2.47 15.04
C LEU A 120 -6.24 2.44 15.82
N TYR A 121 -6.38 1.50 16.74
CA TYR A 121 -7.60 1.41 17.52
C TYR A 121 -7.39 0.80 18.89
N ALA A 122 -8.36 0.99 19.76
CA ALA A 122 -8.29 0.45 21.12
C ALA A 122 -9.67 0.41 21.76
N GLU A 123 -9.98 -0.72 22.39
CA GLU A 123 -11.24 -0.89 23.11
C GLU A 123 -10.78 -0.96 24.58
N GLU A 124 -11.60 -0.49 25.50
CA GLU A 124 -11.22 -0.47 26.92
C GLU A 124 -10.98 -1.86 27.53
N GLY A 125 -9.79 -2.02 28.11
CA GLY A 125 -9.41 -3.26 28.73
C GLY A 125 -8.84 -4.30 27.78
N SER A 126 -8.76 -3.99 26.48
CA SER A 126 -8.24 -4.93 25.50
C SER A 126 -6.88 -4.57 24.93
N GLY A 127 -6.41 -3.37 25.23
CA GLY A 127 -5.13 -2.94 24.72
C GLY A 127 -5.23 -2.26 23.37
N ALA A 128 -4.14 -1.62 22.96
CA ALA A 128 -4.10 -0.90 21.69
C ALA A 128 -3.50 -1.71 20.53
N PHE A 129 -4.06 -1.51 19.34
CA PHE A 129 -3.59 -2.20 18.15
C PHE A 129 -3.30 -1.25 16.99
N PHE A 130 -2.63 -1.80 15.98
CA PHE A 130 -2.25 -1.11 14.76
C PHE A 130 -2.40 -2.21 13.69
N ASN A 131 -3.37 -2.03 12.79
CA ASN A 131 -3.64 -3.01 11.73
C ASN A 131 -3.58 -4.46 12.19
N GLY A 132 -4.01 -4.71 13.42
CA GLY A 132 -4.04 -6.06 13.92
C GLY A 132 -3.01 -6.43 14.95
N GLU A 133 -1.88 -5.75 14.95
CA GLU A 133 -0.84 -6.08 15.92
C GLU A 133 -0.79 -5.12 17.11
N ARG A 134 -0.29 -5.63 18.23
CA ARG A 134 -0.20 -4.84 19.44
C ARG A 134 0.77 -3.68 19.35
N ILE A 135 0.40 -2.55 19.95
CA ILE A 135 1.27 -1.39 20.01
C ILE A 135 1.32 -0.92 21.48
N ARG A 136 2.45 -0.34 21.86
CA ARG A 136 2.67 0.16 23.23
C ARG A 136 3.54 1.40 23.10
N VAL A 137 3.23 2.43 23.86
CA VAL A 137 4.01 3.64 23.74
C VAL A 137 5.52 3.39 24.02
N SER A 138 6.36 4.30 23.51
CA SER A 138 7.81 4.17 23.64
C SER A 138 8.30 4.06 25.07
N GLU A 139 9.52 3.58 25.20
CA GLU A 139 10.17 3.39 26.49
C GLU A 139 10.99 4.63 26.84
N ASN A 140 11.26 5.47 25.84
CA ASN A 140 12.04 6.68 26.05
C ASN A 140 11.69 7.38 27.36
N ALA A 141 12.72 7.71 28.14
CA ALA A 141 12.54 8.39 29.41
C ALA A 141 13.31 9.71 29.47
N SER A 142 14.26 9.87 28.56
CA SER A 142 15.06 11.09 28.49
C SER A 142 14.53 11.98 27.38
N LEU A 143 14.24 13.22 27.71
CA LEU A 143 13.72 14.16 26.74
C LEU A 143 14.70 14.33 25.59
N GLU A 144 15.99 14.07 25.84
CA GLU A 144 16.99 14.23 24.80
C GLU A 144 16.89 13.16 23.73
N GLU A 145 16.38 12.00 24.10
CA GLU A 145 16.20 10.90 23.15
C GLU A 145 14.73 10.81 22.79
N CYS A 146 14.04 11.94 22.83
CA CYS A 146 12.61 12.02 22.54
C CYS A 146 12.20 12.84 21.33
N VAL A 147 11.06 12.48 20.76
CA VAL A 147 10.49 13.19 19.63
C VAL A 147 9.06 13.50 20.03
N GLY A 148 8.79 14.79 20.23
CA GLY A 148 7.46 15.23 20.64
C GLY A 148 6.70 15.86 19.49
N SER A 149 5.42 16.10 19.71
CA SER A 149 4.57 16.68 18.68
C SER A 149 3.61 17.76 19.20
N THR A 150 3.18 18.66 18.30
CA THR A 150 2.23 19.72 18.63
C THR A 150 1.40 20.04 17.40
N GLY A 151 0.35 20.83 17.59
CA GLY A 151 -0.51 21.23 16.48
C GLY A 151 -0.31 22.71 16.20
N SER A 152 -0.67 23.17 15.02
CA SER A 152 -0.50 24.58 14.68
C SER A 152 -1.48 25.49 15.41
N TYR A 153 -1.01 26.13 16.48
CA TYR A 153 -1.86 27.01 17.26
C TYR A 153 -1.40 28.45 17.19
N VAL A 154 -2.16 29.31 17.84
CA VAL A 154 -1.89 30.74 17.91
C VAL A 154 -0.40 31.05 18.06
N ASP A 155 0.00 31.43 19.27
CA ASP A 155 1.39 31.76 19.55
C ASP A 155 2.03 30.60 20.29
N PHE A 156 1.18 29.66 20.72
CA PHE A 156 1.62 28.49 21.46
C PHE A 156 2.69 27.67 20.74
N THR A 157 2.35 27.19 19.55
CA THR A 157 3.25 26.39 18.74
C THR A 157 4.65 26.97 18.72
N GLY A 158 4.84 28.01 17.91
CA GLY A 158 6.15 28.64 17.80
C GLY A 158 6.92 28.80 19.10
N LYS A 159 6.20 29.05 20.19
CA LYS A 159 6.84 29.21 21.49
C LYS A 159 7.21 27.86 22.08
N PHE A 160 6.26 26.93 22.05
CA PHE A 160 6.48 25.59 22.57
C PHE A 160 7.69 24.96 21.89
N ILE A 161 7.98 25.40 20.67
CA ILE A 161 9.14 24.90 19.94
C ILE A 161 10.35 25.43 20.71
N GLU A 162 10.43 26.75 20.80
CA GLU A 162 11.52 27.46 21.48
C GLU A 162 11.93 26.80 22.78
N ARG A 163 10.95 26.53 23.62
CA ARG A 163 11.19 25.90 24.92
C ARG A 163 11.72 24.49 24.75
N MET A 164 10.97 23.68 23.99
CA MET A 164 11.28 22.28 23.77
C MET A 164 12.48 21.95 22.89
N GLU A 165 12.65 22.72 21.82
CA GLU A 165 13.75 22.52 20.87
C GLU A 165 15.11 22.23 21.50
N LYS A 166 15.31 22.67 22.73
CA LYS A 166 16.60 22.47 23.39
C LYS A 166 16.75 21.10 24.05
N ARG A 167 15.85 20.76 24.97
CA ARG A 167 15.90 19.47 25.66
C ARG A 167 15.30 18.30 24.88
N THR A 168 15.06 18.47 23.59
CA THR A 168 14.43 17.41 22.83
C THR A 168 15.11 17.04 21.49
N ARG A 169 15.07 15.74 21.17
CA ARG A 169 15.67 15.21 19.95
C ARG A 169 15.10 15.94 18.74
N ARG A 170 13.78 16.09 18.70
CA ARG A 170 13.10 16.76 17.58
C ARG A 170 11.60 16.93 17.83
N ILE A 171 11.03 17.99 17.26
CA ILE A 171 9.59 18.25 17.42
C ILE A 171 8.86 18.11 16.09
N ARG A 172 7.69 17.48 16.13
CA ARG A 172 6.90 17.27 14.92
C ARG A 172 5.54 17.96 14.88
N ILE A 173 5.19 18.42 13.69
CA ILE A 173 3.92 19.08 13.42
C ILE A 173 3.45 18.46 12.10
N LEU A 174 2.71 17.36 12.20
CA LEU A 174 2.25 16.60 11.05
C LEU A 174 0.95 17.05 10.44
N GLY A 175 -0.04 17.40 11.28
CA GLY A 175 -1.29 17.87 10.74
C GLY A 175 -2.57 17.21 11.20
N SER A 176 -2.45 16.05 11.85
CA SER A 176 -3.63 15.34 12.32
C SER A 176 -3.61 15.09 13.82
N ALA A 177 -4.52 15.75 14.53
CA ALA A 177 -4.63 15.61 15.97
C ALA A 177 -4.81 14.14 16.37
N ALA A 178 -5.91 13.55 15.90
CA ALA A 178 -6.21 12.16 16.19
C ALA A 178 -5.02 11.25 15.86
N LEU A 179 -4.46 11.40 14.67
CA LEU A 179 -3.33 10.58 14.26
C LEU A 179 -2.07 10.81 15.11
N ASN A 180 -1.88 12.04 15.59
CA ASN A 180 -0.71 12.34 16.40
C ASN A 180 -0.82 11.75 17.79
N ALA A 181 -2.03 11.69 18.31
CA ALA A 181 -2.24 11.13 19.64
C ALA A 181 -2.00 9.63 19.56
N ALA A 182 -2.53 9.04 18.50
CA ALA A 182 -2.41 7.59 18.25
C ALA A 182 -0.97 7.17 18.01
N TYR A 183 -0.19 8.07 17.43
CA TYR A 183 1.20 7.76 17.16
C TYR A 183 1.98 7.56 18.47
N VAL A 184 1.56 8.22 19.53
CA VAL A 184 2.27 8.06 20.81
C VAL A 184 1.91 6.67 21.33
N GLY A 185 0.66 6.28 21.12
CA GLY A 185 0.22 4.98 21.57
C GLY A 185 0.97 3.87 20.85
N ALA A 186 1.42 4.14 19.62
CA ALA A 186 2.15 3.17 18.80
C ALA A 186 3.65 3.28 18.98
N GLY A 187 4.09 4.16 19.88
CA GLY A 187 5.51 4.34 20.13
C GLY A 187 6.26 5.19 19.11
N ARG A 188 5.56 5.66 18.08
CA ARG A 188 6.21 6.48 17.07
C ARG A 188 6.69 7.82 17.61
N VAL A 189 5.90 8.45 18.47
CA VAL A 189 6.31 9.72 19.07
C VAL A 189 6.30 9.52 20.56
N ASP A 190 6.92 10.46 21.28
CA ASP A 190 7.02 10.34 22.72
C ASP A 190 5.95 11.09 23.49
N PHE A 191 5.47 12.18 22.92
CA PHE A 191 4.41 12.95 23.55
C PHE A 191 3.75 13.90 22.57
N PHE A 192 2.48 14.19 22.83
CA PHE A 192 1.69 15.08 21.98
C PHE A 192 0.87 16.02 22.86
N VAL A 193 0.89 17.30 22.53
CA VAL A 193 0.17 18.33 23.30
C VAL A 193 -0.71 19.20 22.41
N THR A 194 -1.98 19.35 22.80
CA THR A 194 -2.95 20.15 22.06
C THR A 194 -3.52 21.29 22.90
N TRP A 195 -4.17 22.22 22.22
CA TRP A 195 -4.74 23.39 22.88
C TRP A 195 -6.03 23.84 22.20
N ARG A 196 -7.09 23.99 23.00
CA ARG A 196 -8.39 24.42 22.47
C ARG A 196 -8.89 23.49 21.39
N ILE A 197 -9.07 22.21 21.73
CA ILE A 197 -9.54 21.22 20.79
C ILE A 197 -10.89 20.65 21.25
N ASN A 198 -11.70 20.14 20.32
CA ASN A 198 -12.99 19.58 20.71
C ASN A 198 -12.83 18.09 20.96
N PRO A 199 -13.82 17.46 21.60
CA PRO A 199 -13.71 16.04 21.86
C PRO A 199 -13.60 15.11 20.66
N TRP A 200 -13.97 15.58 19.47
CA TRP A 200 -13.87 14.70 18.30
C TRP A 200 -12.44 14.57 17.79
N ASP A 201 -11.58 15.48 18.26
CA ASP A 201 -10.17 15.51 17.90
C ASP A 201 -9.37 14.60 18.83
N ILE A 202 -9.87 14.39 20.06
CA ILE A 202 -9.13 13.57 21.03
C ILE A 202 -9.80 12.38 21.71
N ALA A 203 -11.10 12.17 21.49
CA ALA A 203 -11.80 11.06 22.14
C ALA A 203 -11.24 9.68 21.79
N ALA A 204 -10.83 9.50 20.53
CA ALA A 204 -10.31 8.22 20.10
C ALA A 204 -8.85 8.10 20.48
N GLY A 205 -8.09 9.18 20.28
CA GLY A 205 -6.69 9.15 20.61
C GLY A 205 -6.43 9.02 22.11
N LEU A 206 -7.47 9.26 22.90
CA LEU A 206 -7.34 9.18 24.34
C LEU A 206 -7.29 7.74 24.86
N ILE A 207 -8.25 6.91 24.45
CA ILE A 207 -8.27 5.53 24.92
C ILE A 207 -7.14 4.73 24.29
N ILE A 208 -6.72 5.13 23.09
CA ILE A 208 -5.64 4.45 22.39
C ILE A 208 -4.29 4.65 23.08
N VAL A 209 -4.07 5.85 23.63
CA VAL A 209 -2.83 6.14 24.32
C VAL A 209 -2.77 5.43 25.67
N LYS A 210 -3.86 5.48 26.43
CA LYS A 210 -3.91 4.84 27.73
C LYS A 210 -3.91 3.32 27.65
N GLU A 211 -4.63 2.77 26.67
CA GLU A 211 -4.67 1.31 26.50
C GLU A 211 -3.31 0.81 26.03
N ALA A 212 -2.51 1.72 25.49
CA ALA A 212 -1.17 1.41 25.03
C ALA A 212 -0.20 1.77 26.15
N GLY A 213 -0.73 1.85 27.38
CA GLY A 213 0.06 2.17 28.56
C GLY A 213 0.56 3.59 28.77
N GLY A 214 0.19 4.53 27.90
CA GLY A 214 0.64 5.90 28.04
C GLY A 214 -0.19 6.75 29.00
N MET A 215 0.08 8.05 29.00
CA MET A 215 -0.64 8.98 29.84
C MET A 215 -1.35 10.05 29.01
N VAL A 216 -2.55 10.38 29.45
CA VAL A 216 -3.35 11.40 28.79
C VAL A 216 -3.85 12.30 29.92
N THR A 217 -3.50 13.59 29.84
CA THR A 217 -3.91 14.52 30.86
C THR A 217 -4.09 15.94 30.34
N ASP A 218 -4.59 16.81 31.22
CA ASP A 218 -4.78 18.21 30.88
C ASP A 218 -3.46 18.90 31.25
N PHE A 219 -3.40 20.21 31.10
CA PHE A 219 -2.16 20.94 31.41
C PHE A 219 -1.80 20.98 32.90
N SER A 220 -2.76 20.67 33.76
CA SER A 220 -2.50 20.69 35.19
C SER A 220 -1.94 19.35 35.67
N GLY A 221 -1.80 18.42 34.74
CA GLY A 221 -1.27 17.10 35.07
C GLY A 221 -2.33 16.17 35.63
N LYS A 222 -3.55 16.69 35.74
CA LYS A 222 -4.67 15.93 36.26
C LYS A 222 -5.33 15.17 35.11
N GLU A 223 -5.34 13.84 35.23
CA GLU A 223 -5.92 12.95 34.22
C GLU A 223 -7.07 13.56 33.43
N ALA A 224 -6.91 13.62 32.12
CA ALA A 224 -7.91 14.20 31.23
C ALA A 224 -8.98 13.22 30.75
N ASN A 225 -10.11 13.77 30.31
CA ASN A 225 -11.21 12.97 29.79
C ASN A 225 -11.61 13.59 28.46
N ALA A 226 -12.52 12.93 27.75
CA ALA A 226 -12.97 13.39 26.44
C ALA A 226 -13.40 14.86 26.38
N PHE A 227 -13.66 15.45 27.54
CA PHE A 227 -14.13 16.83 27.58
C PHE A 227 -13.19 17.85 28.24
N SER A 228 -11.90 17.60 28.12
CA SER A 228 -10.89 18.50 28.68
C SER A 228 -10.48 19.46 27.56
N LYS A 229 -10.05 20.66 27.92
CA LYS A 229 -9.66 21.65 26.92
C LYS A 229 -8.20 21.56 26.45
N ASN A 230 -7.30 21.17 27.36
CA ASN A 230 -5.88 21.04 27.03
C ASN A 230 -5.53 19.57 27.12
N PHE A 231 -4.62 19.12 26.26
CA PHE A 231 -4.23 17.71 26.25
C PHE A 231 -2.76 17.42 26.13
N ILE A 232 -2.31 16.50 26.98
CA ILE A 232 -0.92 16.09 26.98
C ILE A 232 -0.87 14.56 26.89
N PHE A 233 -0.43 14.06 25.75
CA PHE A 233 -0.30 12.62 25.53
C PHE A 233 1.18 12.26 25.68
N SER A 234 1.46 11.19 26.41
CA SER A 234 2.85 10.81 26.61
C SER A 234 3.02 9.33 26.93
N ASN A 235 4.25 8.85 26.88
CA ASN A 235 4.56 7.46 27.19
C ASN A 235 4.51 7.24 28.70
N GLY A 236 4.22 8.31 29.44
CA GLY A 236 4.15 8.21 30.88
C GLY A 236 5.53 8.12 31.51
N LEU A 237 6.56 8.50 30.76
CA LEU A 237 7.94 8.47 31.25
C LEU A 237 8.47 9.88 31.48
N ILE A 238 8.32 10.74 30.48
CA ILE A 238 8.78 12.12 30.57
C ILE A 238 7.59 13.07 30.66
N HIS A 239 6.47 12.56 31.15
CA HIS A 239 5.27 13.37 31.26
C HIS A 239 5.51 14.72 31.96
N ASP A 240 5.87 14.67 33.24
CA ASP A 240 6.11 15.88 34.03
C ASP A 240 7.11 16.81 33.36
N GLU A 241 8.11 16.24 32.70
CA GLU A 241 9.11 17.03 32.01
C GLU A 241 8.40 17.94 31.01
N VAL A 242 7.26 17.46 30.49
CA VAL A 242 6.45 18.20 29.52
C VAL A 242 5.42 19.12 30.22
N VAL A 243 4.73 18.60 31.23
CA VAL A 243 3.74 19.40 31.95
C VAL A 243 4.33 20.76 32.28
N LYS A 244 5.59 20.76 32.70
CA LYS A 244 6.27 22.01 33.06
C LYS A 244 6.44 22.94 31.86
N VAL A 245 7.17 22.48 30.86
CA VAL A 245 7.44 23.29 29.67
C VAL A 245 6.19 23.89 29.05
N VAL A 246 5.09 23.14 29.11
CA VAL A 246 3.83 23.61 28.55
C VAL A 246 3.29 24.83 29.32
N ASN A 247 3.27 24.71 30.65
CA ASN A 247 2.80 25.81 31.51
C ASN A 247 3.80 26.96 31.48
N GLU A 248 5.05 26.62 31.20
CA GLU A 248 6.10 27.62 31.10
C GLU A 248 5.74 28.53 29.92
N VAL A 249 5.26 27.90 28.85
CA VAL A 249 4.85 28.61 27.63
C VAL A 249 3.50 29.28 27.80
N VAL A 250 2.61 28.61 28.50
CA VAL A 250 1.26 29.12 28.74
C VAL A 250 1.30 30.41 29.55
N GLU A 251 2.14 30.43 30.58
CA GLU A 251 2.23 31.61 31.42
C GLU A 251 2.84 32.76 30.63
N GLU A 252 3.92 32.48 29.90
CA GLU A 252 4.59 33.50 29.09
C GLU A 252 3.62 34.25 28.18
N ILE A 253 2.75 33.49 27.51
CA ILE A 253 1.77 34.07 26.58
C ILE A 253 0.61 34.68 27.37
N GLY A 254 0.14 33.96 28.37
CA GLY A 254 -0.96 34.41 29.19
C GLY A 254 -1.89 33.27 29.54
N GLY A 255 -2.08 33.05 30.84
CA GLY A 255 -2.94 31.96 31.29
C GLY A 255 -3.22 31.95 32.79
N LYS A 256 -3.45 30.76 33.33
CA LYS A 256 -3.73 30.56 34.76
C LYS A 256 -5.14 31.05 35.10
N MET B 1 14.78 6.45 -17.72
CA MET B 1 15.32 6.15 -19.08
C MET B 1 16.42 5.10 -19.00
N ASP B 2 17.57 5.56 -18.51
CA ASP B 2 18.76 4.75 -18.35
C ASP B 2 19.11 5.00 -16.89
N ARG B 3 19.63 6.18 -16.59
CA ARG B 3 20.00 6.48 -15.21
C ARG B 3 18.76 6.76 -14.36
N LEU B 4 17.70 7.25 -15.00
CA LEU B 4 16.49 7.53 -14.23
C LEU B 4 15.88 6.21 -13.77
N ASP B 5 15.55 5.35 -14.73
CA ASP B 5 14.97 4.04 -14.42
C ASP B 5 15.86 3.33 -13.41
N PHE B 6 17.14 3.28 -13.74
CA PHE B 6 18.14 2.65 -12.89
C PHE B 6 17.92 3.10 -11.45
N SER B 7 17.95 4.43 -11.25
CA SER B 7 17.80 5.06 -9.95
C SER B 7 16.52 4.77 -9.19
N ILE B 8 15.40 4.68 -9.92
CA ILE B 8 14.10 4.41 -9.31
C ILE B 8 14.03 2.98 -8.76
N LYS B 9 14.37 2.03 -9.61
CA LYS B 9 14.34 0.62 -9.23
C LYS B 9 15.28 0.37 -8.06
N LEU B 10 16.47 0.97 -8.13
CA LEU B 10 17.46 0.81 -7.08
C LEU B 10 16.98 1.29 -5.72
N LEU B 11 16.49 2.52 -5.68
CA LEU B 11 16.04 3.07 -4.40
C LEU B 11 14.81 2.33 -3.95
N ARG B 12 14.01 1.86 -4.88
CA ARG B 12 12.82 1.13 -4.51
C ARG B 12 13.21 -0.21 -3.90
N LYS B 13 14.23 -0.84 -4.48
CA LYS B 13 14.69 -2.12 -3.96
C LYS B 13 15.24 -1.95 -2.54
N VAL B 14 16.03 -0.89 -2.35
CA VAL B 14 16.65 -0.56 -1.06
C VAL B 14 15.63 -0.14 -0.01
N GLY B 15 14.55 0.47 -0.45
CA GLY B 15 13.53 0.89 0.49
C GLY B 15 13.07 -0.28 1.33
N HIS B 16 12.96 -1.45 0.72
CA HIS B 16 12.50 -2.64 1.45
C HIS B 16 13.41 -3.10 2.59
N LEU B 17 14.71 -2.91 2.41
CA LEU B 17 15.66 -3.26 3.46
C LEU B 17 15.32 -2.35 4.63
N LEU B 18 15.14 -1.07 4.33
CA LEU B 18 14.82 -0.09 5.35
C LEU B 18 13.57 -0.53 6.11
N MET B 19 12.61 -1.08 5.39
CA MET B 19 11.37 -1.52 6.00
C MET B 19 11.58 -2.62 7.03
N ILE B 20 12.58 -3.45 6.82
CA ILE B 20 12.87 -4.52 7.77
C ILE B 20 13.28 -3.92 9.11
N HIS B 21 14.02 -2.83 9.05
CA HIS B 21 14.53 -2.18 10.26
C HIS B 21 13.72 -1.00 10.76
N TRP B 22 12.97 -0.36 9.87
CA TRP B 22 12.15 0.78 10.24
C TRP B 22 11.51 0.64 11.62
N GLY B 23 11.77 1.58 12.51
CA GLY B 23 11.20 1.53 13.84
C GLY B 23 11.81 0.46 14.75
N ARG B 24 12.76 -0.32 14.24
CA ARG B 24 13.38 -1.37 15.06
C ARG B 24 14.91 -1.37 15.03
N VAL B 25 15.52 -0.22 15.30
CA VAL B 25 16.97 -0.09 15.31
C VAL B 25 17.42 0.62 16.58
N ASP B 26 17.59 -0.11 17.67
CA ASP B 26 18.01 0.50 18.93
C ASP B 26 19.54 0.49 19.11
N ASN B 27 20.24 0.79 18.02
CA ASN B 27 21.70 0.83 18.02
C ASN B 27 22.04 2.11 17.27
N VAL B 28 21.87 3.24 17.95
CA VAL B 28 22.10 4.55 17.36
C VAL B 28 23.39 5.24 17.76
N GLU B 29 24.03 5.91 16.79
CA GLU B 29 25.28 6.64 17.01
C GLU B 29 24.94 8.12 16.96
N LYS B 30 25.93 8.98 17.16
CA LYS B 30 25.73 10.42 17.10
C LYS B 30 26.86 11.02 16.27
N LYS B 31 26.52 11.51 15.09
CA LYS B 31 27.52 12.10 14.19
C LYS B 31 28.03 13.45 14.70
N THR B 32 27.29 14.05 15.64
CA THR B 32 27.65 15.35 16.22
C THR B 32 26.79 15.61 17.45
N GLY B 33 26.19 14.56 17.99
CA GLY B 33 25.34 14.72 19.17
C GLY B 33 24.00 14.04 18.98
N PHE B 34 23.11 14.19 19.96
CA PHE B 34 21.79 13.57 19.89
C PHE B 34 20.97 14.10 18.71
N LYS B 35 21.08 15.40 18.44
CA LYS B 35 20.33 16.03 17.36
C LYS B 35 20.80 15.64 15.95
N ASP B 36 21.65 14.61 15.87
CA ASP B 36 22.15 14.16 14.59
C ASP B 36 22.74 12.77 14.72
N ILE B 37 22.00 11.78 14.23
CA ILE B 37 22.45 10.40 14.34
C ILE B 37 22.75 9.68 13.03
N VAL B 38 23.16 8.43 13.18
CA VAL B 38 23.48 7.52 12.08
C VAL B 38 23.25 6.12 12.63
N THR B 39 22.97 5.17 11.75
CA THR B 39 22.74 3.79 12.17
C THR B 39 23.49 2.88 11.21
N GLU B 40 23.55 1.58 11.53
CA GLU B 40 24.24 0.67 10.64
C GLU B 40 23.39 0.55 9.39
N ILE B 41 22.08 0.77 9.55
CA ILE B 41 21.15 0.70 8.42
C ILE B 41 21.47 1.83 7.47
N ASP B 42 21.79 2.99 8.03
CA ASP B 42 22.14 4.14 7.21
C ASP B 42 23.30 3.64 6.35
N ARG B 43 24.28 3.05 7.03
CA ARG B 43 25.48 2.51 6.40
C ARG B 43 25.18 1.34 5.48
N GLU B 44 24.35 0.41 5.96
CA GLU B 44 23.95 -0.77 5.21
C GLU B 44 23.10 -0.46 3.98
N ALA B 45 22.34 0.62 4.02
CA ALA B 45 21.50 1.02 2.88
C ALA B 45 22.37 1.73 1.83
N GLN B 46 23.25 2.60 2.31
CA GLN B 46 24.16 3.36 1.47
C GLN B 46 25.09 2.41 0.71
N ARG B 47 25.54 1.36 1.40
CA ARG B 47 26.42 0.37 0.80
C ARG B 47 25.71 -0.31 -0.38
N MET B 48 24.49 -0.79 -0.13
CA MET B 48 23.73 -1.46 -1.16
C MET B 48 23.53 -0.59 -2.40
N ILE B 49 23.63 0.72 -2.24
CA ILE B 49 23.45 1.69 -3.34
C ILE B 49 24.76 1.95 -4.06
N VAL B 50 25.75 2.39 -3.30
CA VAL B 50 27.08 2.70 -3.84
C VAL B 50 27.62 1.52 -4.63
N ASP B 51 27.44 0.32 -4.09
CA ASP B 51 27.90 -0.88 -4.77
C ASP B 51 27.33 -0.91 -6.18
N GLU B 52 26.00 -0.86 -6.24
CA GLU B 52 25.28 -0.90 -7.49
C GLU B 52 25.69 0.23 -8.44
N ILE B 53 25.95 1.42 -7.89
CA ILE B 53 26.37 2.57 -8.68
C ILE B 53 27.64 2.30 -9.48
N ARG B 54 28.64 1.73 -8.81
CA ARG B 54 29.89 1.41 -9.46
C ARG B 54 29.73 0.29 -10.46
N LYS B 55 28.94 -0.72 -10.10
CA LYS B 55 28.73 -1.86 -10.97
C LYS B 55 28.37 -1.42 -12.39
N PHE B 56 27.75 -0.26 -12.53
CA PHE B 56 27.39 0.21 -13.85
C PHE B 56 27.99 1.58 -14.19
N PHE B 57 28.47 2.26 -13.16
CA PHE B 57 29.06 3.56 -13.37
C PHE B 57 30.43 3.60 -12.70
N PRO B 58 31.40 2.92 -13.34
CA PRO B 58 32.79 2.79 -12.92
C PRO B 58 33.56 4.11 -12.82
N ASP B 59 33.74 4.78 -13.97
CA ASP B 59 34.48 6.04 -14.04
C ASP B 59 33.72 7.24 -13.48
N GLU B 60 32.79 6.99 -12.55
CA GLU B 60 32.00 8.06 -11.98
C GLU B 60 32.23 8.22 -10.48
N ASN B 61 31.96 9.41 -9.97
CA ASN B 61 32.17 9.70 -8.56
C ASN B 61 30.92 9.53 -7.72
N ILE B 62 31.10 9.56 -6.41
CA ILE B 62 30.01 9.39 -5.46
C ILE B 62 30.15 10.28 -4.23
N MET B 63 29.01 10.69 -3.68
CA MET B 63 28.96 11.52 -2.47
C MET B 63 27.79 11.07 -1.60
N ALA B 64 28.09 10.30 -0.55
CA ALA B 64 27.04 9.81 0.36
C ALA B 64 27.15 10.52 1.71
N GLU B 65 26.02 10.79 2.36
CA GLU B 65 26.04 11.49 3.64
C GLU B 65 27.07 10.96 4.59
N GLU B 66 27.07 9.65 4.80
CA GLU B 66 27.99 9.10 5.76
C GLU B 66 29.12 8.23 5.25
N GLY B 67 30.24 8.85 4.91
CA GLY B 67 31.37 8.08 4.44
C GLY B 67 32.11 8.51 3.20
N ILE B 68 31.38 8.71 2.11
CA ILE B 68 32.00 9.08 0.85
C ILE B 68 31.72 10.52 0.42
N PHE B 69 32.78 11.27 0.13
CA PHE B 69 32.62 12.65 -0.29
C PHE B 69 33.50 13.00 -1.49
N GLU B 70 33.54 12.08 -2.45
CA GLU B 70 34.34 12.27 -3.66
C GLU B 70 33.91 13.53 -4.41
N LYS B 71 34.33 13.64 -5.68
CA LYS B 71 33.98 14.79 -6.51
C LYS B 71 34.36 14.51 -7.97
N GLY B 72 33.65 15.12 -8.91
CA GLY B 72 33.95 14.89 -10.31
C GLY B 72 32.93 15.47 -11.26
N ASP B 73 33.10 15.21 -12.55
CA ASP B 73 32.19 15.69 -13.60
C ASP B 73 31.01 14.75 -13.81
N ARG B 74 31.12 13.55 -13.23
CA ARG B 74 30.05 12.56 -13.30
C ARG B 74 29.90 12.09 -11.86
N LEU B 75 29.09 12.82 -11.10
CA LEU B 75 28.87 12.53 -9.68
C LEU B 75 27.46 12.02 -9.36
N TRP B 76 27.36 11.34 -8.23
CA TRP B 76 26.10 10.78 -7.73
C TRP B 76 26.02 11.20 -6.27
N ILE B 77 24.96 11.91 -5.88
CA ILE B 77 24.84 12.29 -4.48
C ILE B 77 23.78 11.44 -3.80
N ILE B 78 24.25 10.62 -2.86
CA ILE B 78 23.42 9.67 -2.13
C ILE B 78 23.15 10.04 -0.68
N ASP B 79 21.91 9.82 -0.25
CA ASP B 79 21.55 10.04 1.13
C ASP B 79 20.79 8.76 1.44
N PRO B 80 21.46 7.78 2.09
CA PRO B 80 20.87 6.48 2.46
C PRO B 80 19.54 6.61 3.21
N ILE B 81 19.48 7.54 4.15
CA ILE B 81 18.26 7.78 4.88
C ILE B 81 18.17 9.27 5.20
N ASP B 82 17.08 9.89 4.79
CA ASP B 82 16.86 11.30 5.07
C ASP B 82 15.70 11.31 6.06
N GLY B 83 16.04 11.49 7.33
CA GLY B 83 15.05 11.48 8.37
C GLY B 83 15.37 10.27 9.23
N THR B 84 16.64 10.13 9.57
CA THR B 84 17.10 9.01 10.37
C THR B 84 16.39 8.97 11.72
N ILE B 85 16.15 10.14 12.30
CA ILE B 85 15.47 10.25 13.60
C ILE B 85 14.07 9.63 13.50
N ASN B 86 13.38 9.95 12.41
CA ASN B 86 12.05 9.43 12.14
C ASN B 86 12.17 7.94 11.96
N PHE B 87 13.05 7.54 11.05
CA PHE B 87 13.27 6.13 10.77
C PHE B 87 13.50 5.38 12.08
N VAL B 88 14.27 5.97 12.98
CA VAL B 88 14.54 5.34 14.27
C VAL B 88 13.31 5.23 15.16
N HIS B 89 12.50 6.29 15.22
CA HIS B 89 11.31 6.27 16.07
C HIS B 89 10.09 5.54 15.51
N GLY B 90 10.04 5.34 14.20
CA GLY B 90 8.93 4.64 13.60
C GLY B 90 8.01 5.55 12.82
N LEU B 91 8.52 6.69 12.39
CA LEU B 91 7.70 7.61 11.62
C LEU B 91 7.87 7.39 10.13
N PRO B 92 6.75 7.38 9.40
CA PRO B 92 6.74 7.18 7.95
C PRO B 92 7.50 8.19 7.10
N ASN B 93 7.74 9.38 7.64
CA ASN B 93 8.45 10.41 6.87
C ASN B 93 9.96 10.35 6.85
N PHE B 94 10.46 9.43 6.04
CA PHE B 94 11.89 9.23 5.84
C PHE B 94 12.04 8.77 4.39
N SER B 95 13.16 9.12 3.77
CA SER B 95 13.34 8.79 2.37
C SER B 95 14.76 8.52 1.99
N ILE B 96 14.93 7.98 0.79
CA ILE B 96 16.23 7.70 0.22
C ILE B 96 16.40 8.65 -0.96
N SER B 97 17.43 9.49 -0.93
CA SER B 97 17.65 10.45 -2.02
C SER B 97 18.87 10.12 -2.90
N LEU B 98 18.74 10.37 -4.20
CA LEU B 98 19.84 10.11 -5.14
C LEU B 98 19.81 11.06 -6.33
N ALA B 99 20.90 11.76 -6.55
CA ALA B 99 21.00 12.69 -7.67
C ALA B 99 22.25 12.47 -8.51
N TYR B 100 22.11 12.56 -9.82
CA TYR B 100 23.26 12.43 -10.69
C TYR B 100 23.62 13.85 -11.12
N VAL B 101 24.78 14.33 -10.66
CA VAL B 101 25.23 15.67 -10.97
C VAL B 101 26.36 15.64 -11.98
N GLU B 102 26.09 16.11 -13.19
CA GLU B 102 27.08 16.13 -14.24
C GLU B 102 27.67 17.53 -14.45
N ASN B 103 28.99 17.64 -14.28
CA ASN B 103 29.69 18.92 -14.42
C ASN B 103 29.07 19.96 -13.51
N GLY B 104 28.82 19.56 -12.26
CA GLY B 104 28.23 20.48 -11.30
C GLY B 104 26.77 20.79 -11.60
N GLU B 105 26.16 19.99 -12.46
CA GLU B 105 24.76 20.20 -12.83
C GLU B 105 23.89 18.98 -12.51
N VAL B 106 22.89 19.17 -11.66
CA VAL B 106 21.98 18.09 -11.32
C VAL B 106 21.20 17.71 -12.58
N LYS B 107 21.54 16.57 -13.17
CA LYS B 107 20.90 16.09 -14.39
C LYS B 107 19.63 15.26 -14.13
N LEU B 108 19.44 14.84 -12.87
CA LEU B 108 18.27 14.06 -12.48
C LEU B 108 18.26 13.74 -10.98
N GLY B 109 17.05 13.60 -10.44
CA GLY B 109 16.89 13.31 -9.03
C GLY B 109 15.72 12.37 -8.76
N VAL B 110 15.81 11.64 -7.66
CA VAL B 110 14.77 10.70 -7.27
C VAL B 110 14.72 10.55 -5.75
N VAL B 111 13.53 10.76 -5.21
CA VAL B 111 13.29 10.65 -3.77
C VAL B 111 12.30 9.50 -3.55
N HIS B 112 12.61 8.63 -2.61
CA HIS B 112 11.73 7.51 -2.33
C HIS B 112 11.41 7.30 -0.86
N ALA B 113 10.13 7.39 -0.53
CA ALA B 113 9.66 7.16 0.84
C ALA B 113 9.03 5.76 0.78
N PRO B 114 9.73 4.76 1.30
CA PRO B 114 9.31 3.35 1.34
C PRO B 114 8.05 3.05 2.13
N ALA B 115 7.91 3.72 3.28
CA ALA B 115 6.77 3.49 4.15
C ALA B 115 5.52 4.13 3.55
N LEU B 116 5.71 5.17 2.73
CA LEU B 116 4.61 5.87 2.08
C LEU B 116 4.41 5.41 0.64
N ASN B 117 5.36 4.63 0.13
CA ASN B 117 5.29 4.13 -1.24
C ASN B 117 5.24 5.27 -2.24
N GLU B 118 6.00 6.32 -1.93
CA GLU B 118 6.06 7.50 -2.78
C GLU B 118 7.43 7.60 -3.41
N THR B 119 7.44 7.78 -4.72
CA THR B 119 8.66 7.91 -5.50
C THR B 119 8.53 9.16 -6.36
N LEU B 120 9.20 10.22 -5.93
CA LEU B 120 9.18 11.48 -6.66
C LEU B 120 10.51 11.58 -7.39
N TYR B 121 10.47 11.99 -8.64
CA TYR B 121 11.67 12.10 -9.45
C TYR B 121 11.50 13.05 -10.65
N ALA B 122 12.63 13.47 -11.23
CA ALA B 122 12.64 14.36 -12.40
C ALA B 122 13.96 14.29 -13.16
N GLU B 123 13.88 14.55 -14.46
CA GLU B 123 15.06 14.56 -15.32
C GLU B 123 15.11 15.88 -16.05
N GLU B 124 16.31 16.39 -16.30
CA GLU B 124 16.45 17.65 -17.01
C GLU B 124 15.71 17.66 -18.33
N GLY B 125 14.72 18.54 -18.45
CA GLY B 125 13.94 18.65 -19.67
C GLY B 125 12.77 17.68 -19.77
N SER B 126 12.70 16.73 -18.86
CA SER B 126 11.62 15.72 -18.91
C SER B 126 10.42 16.05 -18.00
N GLY B 127 10.59 17.01 -17.09
CA GLY B 127 9.51 17.37 -16.19
C GLY B 127 9.50 16.45 -14.99
N ALA B 128 8.68 16.79 -13.98
CA ALA B 128 8.59 16.00 -12.75
C ALA B 128 7.47 14.96 -12.77
N PHE B 129 7.65 13.91 -11.96
CA PHE B 129 6.68 12.82 -11.86
C PHE B 129 6.50 12.38 -10.42
N PHE B 130 5.50 11.52 -10.22
CA PHE B 130 5.18 10.95 -8.94
C PHE B 130 4.63 9.57 -9.28
N ASN B 131 5.39 8.54 -9.01
CA ASN B 131 4.93 7.19 -9.33
C ASN B 131 4.38 7.08 -10.74
N GLY B 132 5.08 7.69 -11.71
CA GLY B 132 4.66 7.61 -13.10
C GLY B 132 3.76 8.71 -13.64
N GLU B 133 3.04 9.41 -12.75
CA GLU B 133 2.17 10.48 -13.21
C GLU B 133 2.86 11.81 -13.02
N ARG B 134 2.54 12.77 -13.87
CA ARG B 134 3.12 14.11 -13.83
C ARG B 134 2.70 14.87 -12.58
N ILE B 135 3.55 15.79 -12.14
CA ILE B 135 3.27 16.62 -10.99
C ILE B 135 3.76 18.04 -11.27
N ARG B 136 2.96 19.02 -10.89
CA ARG B 136 3.34 20.41 -11.06
C ARG B 136 3.35 21.00 -9.67
N VAL B 137 3.80 22.25 -9.56
CA VAL B 137 3.83 22.92 -8.27
C VAL B 137 2.44 23.55 -8.02
N SER B 138 2.17 23.98 -6.80
CA SER B 138 0.84 24.55 -6.51
C SER B 138 0.57 25.87 -7.20
N GLU B 139 -0.71 26.24 -7.22
CA GLU B 139 -1.16 27.50 -7.84
C GLU B 139 -1.57 28.54 -6.80
N ASN B 140 -1.57 28.16 -5.52
CA ASN B 140 -1.94 29.07 -4.45
C ASN B 140 -0.98 30.24 -4.44
N ALA B 141 -1.45 31.40 -4.90
CA ALA B 141 -0.62 32.59 -4.99
C ALA B 141 -0.64 33.55 -3.78
N SER B 142 -1.34 33.19 -2.70
CA SER B 142 -1.38 34.06 -1.52
C SER B 142 -1.07 33.26 -0.26
N LEU B 143 -0.28 33.86 0.63
CA LEU B 143 0.13 33.22 1.88
C LEU B 143 -1.01 32.71 2.75
N GLU B 144 -2.20 33.28 2.56
CA GLU B 144 -3.37 32.86 3.34
C GLU B 144 -4.00 31.61 2.74
N GLU B 145 -3.46 31.17 1.61
CA GLU B 145 -3.93 29.98 0.92
C GLU B 145 -2.79 28.95 0.83
N CYS B 146 -1.76 29.16 1.65
CA CYS B 146 -0.60 28.29 1.63
C CYS B 146 -0.33 27.53 2.92
N VAL B 147 0.49 26.49 2.79
CA VAL B 147 0.94 25.64 3.89
C VAL B 147 2.44 25.56 3.63
N GLY B 148 3.24 25.92 4.62
CA GLY B 148 4.68 25.89 4.44
C GLY B 148 5.34 24.87 5.32
N SER B 149 6.65 24.77 5.22
CA SER B 149 7.40 23.81 6.00
C SER B 149 8.87 24.18 6.14
N THR B 150 9.53 23.50 7.05
CA THR B 150 10.96 23.70 7.31
C THR B 150 11.44 22.64 8.31
N GLY B 151 12.75 22.48 8.42
CA GLY B 151 13.30 21.50 9.33
C GLY B 151 13.55 22.10 10.70
N SER B 152 13.80 21.25 11.68
CA SER B 152 14.06 21.71 13.05
C SER B 152 15.45 22.34 13.20
N TYR B 153 15.51 23.67 13.16
CA TYR B 153 16.78 24.39 13.28
C TYR B 153 16.81 25.27 14.53
N VAL B 154 18.01 25.43 15.08
CA VAL B 154 18.27 26.21 16.31
C VAL B 154 17.20 27.23 16.74
N ASP B 155 17.20 28.39 16.11
CA ASP B 155 16.22 29.43 16.46
C ASP B 155 15.34 29.77 15.27
N PHE B 156 15.87 29.50 14.09
CA PHE B 156 15.17 29.78 12.84
C PHE B 156 13.77 29.18 12.82
N THR B 157 13.64 28.00 13.42
CA THR B 157 12.36 27.28 13.45
C THR B 157 11.26 27.91 14.28
N GLY B 158 11.33 27.76 15.61
CA GLY B 158 10.31 28.33 16.46
C GLY B 158 10.03 29.80 16.17
N LYS B 159 11.02 30.46 15.55
CA LYS B 159 10.93 31.87 15.21
C LYS B 159 10.38 32.07 13.80
N PHE B 160 10.36 30.99 13.02
CA PHE B 160 9.83 31.03 11.65
C PHE B 160 8.32 30.80 11.72
N ILE B 161 7.91 29.99 12.71
CA ILE B 161 6.50 29.65 12.94
C ILE B 161 5.78 30.92 13.40
N GLU B 162 6.34 31.54 14.43
CA GLU B 162 5.83 32.78 15.00
C GLU B 162 5.75 33.82 13.90
N ARG B 163 6.85 33.97 13.16
CA ARG B 163 6.96 34.94 12.08
C ARG B 163 6.10 34.62 10.84
N MET B 164 5.43 33.47 10.84
CA MET B 164 4.61 33.10 9.69
C MET B 164 3.33 32.33 10.01
N GLU B 165 3.01 32.21 11.30
CA GLU B 165 1.79 31.50 11.70
C GLU B 165 0.54 32.17 11.16
N LYS B 166 0.41 33.47 11.38
CA LYS B 166 -0.75 34.22 10.89
C LYS B 166 -0.63 34.50 9.40
N ARG B 167 0.53 34.21 8.83
CA ARG B 167 0.76 34.44 7.41
C ARG B 167 0.13 33.36 6.54
N THR B 168 0.42 32.11 6.89
CA THR B 168 -0.09 30.97 6.12
C THR B 168 -1.09 30.12 6.89
N ARG B 169 -1.79 29.23 6.17
CA ARG B 169 -2.77 28.33 6.77
C ARG B 169 -2.10 27.47 7.83
N ARG B 170 -0.99 26.84 7.45
CA ARG B 170 -0.25 25.99 8.36
C ARG B 170 1.23 25.92 7.97
N ILE B 171 2.07 25.61 8.95
CA ILE B 171 3.50 25.44 8.71
C ILE B 171 3.74 24.03 9.22
N ARG B 172 4.20 23.14 8.34
CA ARG B 172 4.45 21.76 8.74
C ARG B 172 5.93 21.47 8.95
N ILE B 173 6.20 20.53 9.87
CA ILE B 173 7.53 20.09 10.21
C ILE B 173 7.47 18.57 10.10
N LEU B 174 7.76 18.07 8.90
CA LEU B 174 7.68 16.65 8.60
C LEU B 174 8.89 15.78 8.90
N GLY B 175 10.09 16.30 8.73
CA GLY B 175 11.26 15.50 9.07
C GLY B 175 12.25 15.12 7.99
N SER B 176 11.77 14.96 6.77
CA SER B 176 12.68 14.58 5.68
C SER B 176 12.81 15.70 4.67
N ALA B 177 14.01 16.27 4.61
CA ALA B 177 14.30 17.37 3.69
C ALA B 177 14.03 17.03 2.24
N ALA B 178 14.50 15.86 1.80
CA ALA B 178 14.32 15.45 0.42
C ALA B 178 12.84 15.29 0.10
N LEU B 179 12.10 14.70 1.03
CA LEU B 179 10.67 14.49 0.83
C LEU B 179 9.96 15.86 0.83
N ASN B 180 10.24 16.67 1.83
CA ASN B 180 9.62 18.00 1.94
C ASN B 180 9.80 18.83 0.68
N ALA B 181 10.99 18.81 0.10
CA ALA B 181 11.26 19.57 -1.10
C ALA B 181 10.50 18.94 -2.27
N ALA B 182 10.50 17.62 -2.32
CA ALA B 182 9.80 16.91 -3.39
C ALA B 182 8.31 17.25 -3.31
N TYR B 183 7.83 17.52 -2.10
CA TYR B 183 6.43 17.88 -1.90
C TYR B 183 6.01 19.20 -2.50
N VAL B 184 6.90 20.19 -2.55
CA VAL B 184 6.48 21.45 -3.16
C VAL B 184 6.42 21.21 -4.68
N GLY B 185 7.27 20.31 -5.18
CA GLY B 185 7.24 20.00 -6.60
C GLY B 185 5.93 19.29 -6.91
N ALA B 186 5.42 18.57 -5.92
CA ALA B 186 4.17 17.83 -6.02
C ALA B 186 2.95 18.73 -5.78
N GLY B 187 3.19 19.91 -5.23
CA GLY B 187 2.10 20.83 -4.97
C GLY B 187 1.41 20.53 -3.66
N ARG B 188 1.99 19.62 -2.88
CA ARG B 188 1.41 19.25 -1.59
C ARG B 188 1.77 20.34 -0.58
N VAL B 189 2.82 21.08 -0.90
CA VAL B 189 3.28 22.17 -0.06
C VAL B 189 3.68 23.32 -0.97
N ASP B 190 3.45 24.53 -0.50
CA ASP B 190 3.74 25.71 -1.29
C ASP B 190 5.17 26.21 -1.17
N PHE B 191 5.83 25.84 -0.08
CA PHE B 191 7.21 26.23 0.13
C PHE B 191 7.86 25.49 1.31
N PHE B 192 9.17 25.29 1.20
CA PHE B 192 9.98 24.59 2.21
C PHE B 192 11.32 25.34 2.36
N VAL B 193 11.69 25.65 3.61
CA VAL B 193 12.95 26.36 3.89
C VAL B 193 13.92 25.50 4.72
N THR B 194 15.16 25.36 4.24
CA THR B 194 16.18 24.57 4.92
C THR B 194 17.44 25.41 5.19
N TRP B 195 17.79 25.48 6.47
CA TRP B 195 18.93 26.27 6.93
C TRP B 195 20.10 25.39 7.37
N ARG B 196 21.29 25.67 6.84
CA ARG B 196 22.48 24.89 7.19
C ARG B 196 22.24 23.45 6.74
N ILE B 197 22.33 23.21 5.45
CA ILE B 197 22.09 21.88 4.92
C ILE B 197 23.16 21.41 3.96
N ASN B 198 23.34 20.09 3.88
CA ASN B 198 24.33 19.50 2.99
C ASN B 198 23.71 19.26 1.61
N PRO B 199 24.54 18.96 0.60
CA PRO B 199 24.08 18.71 -0.77
C PRO B 199 23.16 17.50 -0.94
N TRP B 200 23.47 16.40 -0.26
CA TRP B 200 22.65 15.21 -0.38
C TRP B 200 21.24 15.38 0.16
N ASP B 201 20.99 16.48 0.87
CA ASP B 201 19.67 16.75 1.44
C ASP B 201 18.73 17.48 0.45
N ILE B 202 19.31 18.10 -0.58
CA ILE B 202 18.54 18.87 -1.56
C ILE B 202 18.80 18.57 -3.05
N ALA B 203 19.93 17.94 -3.35
CA ALA B 203 20.29 17.63 -4.74
C ALA B 203 19.11 17.18 -5.61
N ALA B 204 18.38 16.18 -5.13
CA ALA B 204 17.23 15.66 -5.87
C ALA B 204 16.04 16.61 -5.78
N GLY B 205 15.78 17.10 -4.56
CA GLY B 205 14.67 18.02 -4.36
C GLY B 205 14.74 19.17 -5.34
N LEU B 206 15.93 19.73 -5.44
CA LEU B 206 16.23 20.85 -6.33
C LEU B 206 15.67 20.68 -7.74
N ILE B 207 16.14 19.66 -8.45
CA ILE B 207 15.70 19.42 -9.83
C ILE B 207 14.23 18.98 -9.95
N ILE B 208 13.67 18.45 -8.87
CA ILE B 208 12.28 18.02 -8.88
C ILE B 208 11.36 19.24 -8.88
N VAL B 209 11.67 20.20 -8.01
CA VAL B 209 10.87 21.42 -7.92
C VAL B 209 10.96 22.26 -9.19
N LYS B 210 12.17 22.49 -9.69
CA LYS B 210 12.36 23.29 -10.88
C LYS B 210 11.74 22.65 -12.11
N GLU B 211 11.78 21.33 -12.18
CA GLU B 211 11.19 20.61 -13.30
C GLU B 211 9.68 20.59 -13.13
N ALA B 212 9.23 20.80 -11.90
CA ALA B 212 7.81 20.83 -11.58
C ALA B 212 7.31 22.27 -11.65
N GLY B 213 8.08 23.13 -12.32
CA GLY B 213 7.74 24.52 -12.47
C GLY B 213 7.82 25.38 -11.22
N GLY B 214 8.73 25.04 -10.32
CA GLY B 214 8.87 25.83 -9.10
C GLY B 214 10.16 26.62 -9.02
N MET B 215 10.44 27.17 -7.85
CA MET B 215 11.65 27.97 -7.64
C MET B 215 12.53 27.48 -6.51
N VAL B 216 13.83 27.47 -6.75
CA VAL B 216 14.78 27.06 -5.74
C VAL B 216 15.85 28.13 -5.71
N THR B 217 16.02 28.78 -4.57
CA THR B 217 17.01 29.84 -4.43
C THR B 217 17.63 29.84 -3.05
N ASP B 218 18.69 30.62 -2.91
CA ASP B 218 19.38 30.77 -1.64
C ASP B 218 18.52 31.79 -0.90
N PHE B 219 19.07 32.48 0.09
CA PHE B 219 18.27 33.47 0.78
C PHE B 219 18.42 34.81 0.10
N SER B 220 19.48 34.95 -0.70
CA SER B 220 19.74 36.18 -1.42
C SER B 220 18.76 36.31 -2.57
N GLY B 221 18.01 35.24 -2.79
CA GLY B 221 17.04 35.23 -3.86
C GLY B 221 17.65 34.82 -5.18
N LYS B 222 18.93 34.48 -5.17
CA LYS B 222 19.60 34.06 -6.40
C LYS B 222 19.45 32.55 -6.61
N GLU B 223 19.27 32.16 -7.87
CA GLU B 223 19.10 30.76 -8.24
C GLU B 223 20.03 29.86 -7.44
N ALA B 224 19.45 28.86 -6.75
CA ALA B 224 20.20 27.93 -5.91
C ALA B 224 20.77 26.73 -6.67
N ASN B 225 21.78 26.10 -6.07
CA ASN B 225 22.44 24.94 -6.67
C ASN B 225 22.72 23.83 -5.66
N ALA B 226 23.13 22.68 -6.16
CA ALA B 226 23.46 21.53 -5.32
C ALA B 226 24.40 21.93 -4.17
N PHE B 227 25.21 22.96 -4.43
CA PHE B 227 26.15 23.45 -3.44
C PHE B 227 25.77 24.86 -3.00
N SER B 228 24.99 24.91 -1.93
CA SER B 228 24.53 26.15 -1.32
C SER B 228 24.24 25.73 0.11
N LYS B 229 24.20 26.68 1.04
CA LYS B 229 23.97 26.32 2.44
C LYS B 229 22.53 26.41 2.88
N ASN B 230 21.83 27.43 2.41
CA ASN B 230 20.43 27.63 2.77
C ASN B 230 19.59 27.68 1.51
N PHE B 231 18.49 26.94 1.54
CA PHE B 231 17.60 26.88 0.38
C PHE B 231 16.18 27.25 0.72
N ILE B 232 15.43 27.54 -0.34
CA ILE B 232 14.02 27.89 -0.25
C ILE B 232 13.38 27.34 -1.54
N PHE B 233 12.38 26.46 -1.38
CA PHE B 233 11.68 25.90 -2.54
C PHE B 233 10.24 26.40 -2.52
N SER B 234 9.70 26.67 -3.69
CA SER B 234 8.33 27.18 -3.77
C SER B 234 7.70 27.04 -5.16
N ASN B 235 6.43 27.42 -5.26
CA ASN B 235 5.73 27.36 -6.53
C ASN B 235 6.06 28.55 -7.42
N GLY B 236 7.00 29.37 -6.95
CA GLY B 236 7.41 30.54 -7.70
C GLY B 236 6.34 31.60 -7.83
N LEU B 237 5.34 31.56 -6.94
CA LEU B 237 4.23 32.52 -6.94
C LEU B 237 4.16 33.20 -5.59
N ILE B 238 4.93 32.69 -4.65
CA ILE B 238 4.91 33.23 -3.30
C ILE B 238 6.33 33.21 -2.76
N HIS B 239 7.30 33.12 -3.67
CA HIS B 239 8.70 33.06 -3.29
C HIS B 239 9.16 34.38 -2.66
N ASP B 240 8.96 35.46 -3.41
CA ASP B 240 9.33 36.82 -2.99
C ASP B 240 9.10 37.10 -1.50
N GLU B 241 7.83 37.04 -1.08
CA GLU B 241 7.47 37.29 0.31
C GLU B 241 8.13 36.31 1.26
N VAL B 242 8.29 35.06 0.83
CA VAL B 242 8.93 34.06 1.68
C VAL B 242 10.40 34.43 1.87
N VAL B 243 11.07 34.80 0.78
CA VAL B 243 12.46 35.19 0.85
C VAL B 243 12.49 36.33 1.85
N LYS B 244 11.58 37.28 1.66
CA LYS B 244 11.47 38.42 2.53
C LYS B 244 11.43 37.96 3.98
N VAL B 245 10.43 37.14 4.32
CA VAL B 245 10.31 36.68 5.69
C VAL B 245 11.50 35.86 6.15
N VAL B 246 12.03 35.02 5.27
CA VAL B 246 13.21 34.21 5.62
C VAL B 246 14.34 35.16 5.98
N ASN B 247 14.59 36.12 5.10
CA ASN B 247 15.64 37.10 5.29
C ASN B 247 15.42 37.98 6.53
N GLU B 248 14.21 37.94 7.08
CA GLU B 248 13.91 38.74 8.26
C GLU B 248 13.70 37.90 9.52
N VAL B 249 14.02 36.60 9.42
CA VAL B 249 13.89 35.69 10.55
C VAL B 249 15.27 35.48 11.19
N VAL B 250 16.30 35.47 10.35
CA VAL B 250 17.66 35.29 10.82
C VAL B 250 18.08 36.55 11.56
N GLU B 251 17.41 37.64 11.25
CA GLU B 251 17.68 38.93 11.88
C GLU B 251 17.52 38.84 13.39
N GLU B 252 16.32 38.46 13.82
CA GLU B 252 15.98 38.36 15.23
C GLU B 252 16.93 37.51 16.09
N ILE B 253 17.79 36.73 15.45
CA ILE B 253 18.71 35.89 16.21
C ILE B 253 20.17 36.12 15.83
N GLY B 254 20.43 36.20 14.53
CA GLY B 254 21.79 36.42 14.07
C GLY B 254 22.17 35.41 12.99
N GLY B 255 23.20 35.75 12.23
CA GLY B 255 23.64 34.87 11.15
C GLY B 255 23.90 35.67 9.88
N LYS B 256 25.12 36.20 9.76
CA LYS B 256 25.52 36.99 8.60
C LYS B 256 26.53 36.22 7.73
N MET C 1 -3.01 -12.60 21.32
CA MET C 1 -1.96 -13.44 22.01
C MET C 1 -0.53 -12.90 21.78
N ASP C 2 0.36 -13.15 22.74
CA ASP C 2 1.74 -12.73 22.61
C ASP C 2 2.33 -13.68 21.57
N ARG C 3 1.78 -14.90 21.49
CA ARG C 3 2.21 -15.90 20.53
C ARG C 3 1.71 -15.54 19.13
N LEU C 4 0.46 -15.09 19.04
CA LEU C 4 -0.09 -14.69 17.76
C LEU C 4 0.51 -13.36 17.35
N ASP C 5 0.55 -12.42 18.28
CA ASP C 5 1.14 -11.11 18.03
C ASP C 5 2.60 -11.30 17.66
N PHE C 6 3.22 -12.32 18.27
CA PHE C 6 4.62 -12.64 17.99
C PHE C 6 4.70 -13.08 16.54
N SER C 7 3.74 -13.90 16.14
CA SER C 7 3.66 -14.46 14.80
C SER C 7 3.39 -13.42 13.70
N ILE C 8 2.46 -12.52 13.98
CA ILE C 8 2.12 -11.48 13.03
C ILE C 8 3.31 -10.55 12.78
N LYS C 9 3.96 -10.13 13.86
CA LYS C 9 5.10 -9.21 13.75
C LYS C 9 6.31 -9.83 13.05
N LEU C 10 6.57 -11.09 13.35
CA LEU C 10 7.69 -11.80 12.74
C LEU C 10 7.52 -12.00 11.23
N LEU C 11 6.33 -12.43 10.79
CA LEU C 11 6.10 -12.63 9.35
C LEU C 11 6.01 -11.32 8.58
N ARG C 12 5.53 -10.28 9.25
CA ARG C 12 5.44 -8.97 8.61
C ARG C 12 6.84 -8.42 8.39
N LYS C 13 7.71 -8.58 9.39
CA LYS C 13 9.09 -8.11 9.26
C LYS C 13 9.82 -8.90 8.19
N VAL C 14 9.71 -10.22 8.23
CA VAL C 14 10.36 -11.08 7.25
C VAL C 14 9.83 -10.83 5.85
N GLY C 15 8.60 -10.34 5.76
CA GLY C 15 8.02 -10.07 4.44
C GLY C 15 8.78 -9.01 3.66
N HIS C 16 9.45 -8.11 4.36
CA HIS C 16 10.22 -7.05 3.70
C HIS C 16 11.50 -7.62 3.13
N LEU C 17 12.03 -8.63 3.78
CA LEU C 17 13.23 -9.27 3.28
C LEU C 17 12.85 -9.80 1.90
N LEU C 18 11.73 -10.53 1.86
CA LEU C 18 11.24 -11.10 0.61
C LEU C 18 11.02 -10.04 -0.46
N MET C 19 10.50 -8.89 -0.06
CA MET C 19 10.23 -7.81 -0.99
C MET C 19 11.48 -7.33 -1.71
N ILE C 20 12.62 -7.47 -1.05
CA ILE C 20 13.89 -7.08 -1.65
C ILE C 20 14.19 -7.93 -2.89
N HIS C 21 13.96 -9.24 -2.80
CA HIS C 21 14.25 -10.14 -3.91
C HIS C 21 13.05 -10.59 -4.72
N TRP C 22 11.86 -10.08 -4.40
CA TRP C 22 10.65 -10.43 -5.14
C TRP C 22 10.87 -10.15 -6.62
N GLY C 23 10.84 -11.19 -7.44
CA GLY C 23 11.03 -11.00 -8.86
C GLY C 23 12.47 -10.76 -9.29
N ARG C 24 13.37 -10.53 -8.34
CA ARG C 24 14.77 -10.25 -8.65
C ARG C 24 15.67 -11.36 -8.13
N VAL C 25 15.30 -12.61 -8.40
CA VAL C 25 16.13 -13.72 -7.96
C VAL C 25 16.64 -14.44 -9.21
N ASP C 26 17.96 -14.54 -9.33
CA ASP C 26 18.57 -15.17 -10.49
C ASP C 26 18.88 -16.66 -10.37
N ASN C 27 19.13 -17.13 -9.16
CA ASN C 27 19.45 -18.55 -8.97
C ASN C 27 18.33 -19.39 -8.37
N VAL C 28 17.60 -20.06 -9.26
CA VAL C 28 16.49 -20.94 -8.93
C VAL C 28 16.96 -22.40 -8.98
N GLU C 29 16.80 -23.13 -7.89
CA GLU C 29 17.22 -24.53 -7.87
C GLU C 29 16.02 -25.46 -7.97
N LYS C 30 16.20 -26.60 -8.64
CA LYS C 30 15.10 -27.56 -8.77
C LYS C 30 15.18 -28.51 -7.59
N LYS C 31 14.07 -28.68 -6.87
CA LYS C 31 14.07 -29.59 -5.72
C LYS C 31 13.79 -31.01 -6.24
N THR C 32 12.76 -31.14 -7.06
CA THR C 32 12.40 -32.44 -7.65
C THR C 32 12.02 -32.25 -9.12
N GLY C 33 12.19 -31.03 -9.62
CA GLY C 33 11.84 -30.74 -11.01
C GLY C 33 11.66 -29.25 -11.19
N PHE C 34 11.39 -28.83 -12.42
CA PHE C 34 11.20 -27.42 -12.71
C PHE C 34 9.89 -26.90 -12.13
N LYS C 35 9.01 -27.80 -11.71
CA LYS C 35 7.72 -27.43 -11.13
C LYS C 35 7.78 -27.39 -9.59
N ASP C 36 8.92 -27.80 -9.04
CA ASP C 36 9.11 -27.80 -7.60
C ASP C 36 10.51 -27.26 -7.34
N ILE C 37 10.57 -25.94 -7.20
CA ILE C 37 11.81 -25.22 -7.00
C ILE C 37 11.98 -24.64 -5.62
N VAL C 38 13.17 -24.09 -5.40
CA VAL C 38 13.55 -23.46 -4.15
C VAL C 38 14.69 -22.49 -4.45
N THR C 39 14.84 -21.46 -3.60
CA THR C 39 15.90 -20.49 -3.78
C THR C 39 16.60 -20.32 -2.45
N GLU C 40 17.64 -19.49 -2.46
CA GLU C 40 18.42 -19.20 -1.28
C GLU C 40 17.58 -18.32 -0.35
N ILE C 41 16.71 -17.50 -0.94
CA ILE C 41 15.87 -16.61 -0.16
C ILE C 41 14.89 -17.40 0.70
N ASP C 42 14.35 -18.48 0.14
CA ASP C 42 13.46 -19.33 0.92
C ASP C 42 14.21 -19.67 2.21
N ARG C 43 15.47 -20.07 2.06
CA ARG C 43 16.32 -20.45 3.22
C ARG C 43 16.62 -19.29 4.13
N GLU C 44 16.94 -18.16 3.52
CA GLU C 44 17.26 -16.98 4.31
C GLU C 44 16.05 -16.57 5.11
N ALA C 45 14.88 -16.53 4.46
CA ALA C 45 13.65 -16.15 5.13
C ALA C 45 13.39 -17.13 6.27
N GLN C 46 13.47 -18.43 5.96
CA GLN C 46 13.22 -19.46 6.96
C GLN C 46 14.15 -19.35 8.15
N ARG C 47 15.41 -19.05 7.88
CA ARG C 47 16.40 -18.93 8.93
C ARG C 47 16.03 -17.77 9.85
N MET C 48 15.57 -16.69 9.24
CA MET C 48 15.19 -15.52 10.01
C MET C 48 14.05 -15.90 10.95
N ILE C 49 13.12 -16.71 10.42
CA ILE C 49 11.96 -17.16 11.20
C ILE C 49 12.35 -18.16 12.29
N VAL C 50 13.12 -19.18 11.93
CA VAL C 50 13.54 -20.20 12.89
C VAL C 50 14.38 -19.69 14.06
N ASP C 51 15.33 -18.79 13.80
CA ASP C 51 16.20 -18.22 14.85
C ASP C 51 15.40 -17.46 15.91
N GLU C 52 14.35 -16.77 15.48
CA GLU C 52 13.50 -15.99 16.36
C GLU C 52 12.65 -16.90 17.23
N ILE C 53 12.10 -17.94 16.61
CA ILE C 53 11.27 -18.90 17.33
C ILE C 53 12.14 -19.62 18.36
N ARG C 54 13.28 -20.13 17.90
CA ARG C 54 14.17 -20.83 18.81
C ARG C 54 14.69 -19.94 19.93
N LYS C 55 14.75 -18.64 19.69
CA LYS C 55 15.21 -17.71 20.70
C LYS C 55 14.15 -17.44 21.75
N PHE C 56 12.88 -17.44 21.33
CA PHE C 56 11.81 -17.16 22.26
C PHE C 56 11.01 -18.38 22.68
N PHE C 57 11.34 -19.53 22.12
CA PHE C 57 10.66 -20.79 22.44
C PHE C 57 11.70 -21.89 22.27
N PRO C 58 12.80 -21.84 23.04
CA PRO C 58 13.90 -22.81 23.00
C PRO C 58 13.59 -24.30 23.11
N ASP C 59 12.52 -24.67 23.79
CA ASP C 59 12.24 -26.10 23.92
C ASP C 59 11.09 -26.63 23.08
N GLU C 60 10.69 -25.89 22.06
CA GLU C 60 9.59 -26.32 21.20
C GLU C 60 10.15 -26.75 19.85
N ASN C 61 9.51 -27.75 19.23
CA ASN C 61 9.99 -28.28 17.96
C ASN C 61 9.66 -27.44 16.73
N ILE C 62 10.41 -27.69 15.66
CA ILE C 62 10.23 -26.96 14.42
C ILE C 62 10.18 -27.87 13.20
N MET C 63 9.26 -27.56 12.31
CA MET C 63 9.10 -28.30 11.07
C MET C 63 8.96 -27.25 9.97
N ALA C 64 10.07 -26.96 9.28
CA ALA C 64 10.08 -25.97 8.21
C ALA C 64 10.37 -26.65 6.88
N GLU C 65 9.58 -26.30 5.86
CA GLU C 65 9.73 -26.90 4.53
C GLU C 65 11.13 -27.24 4.05
N GLU C 66 12.02 -26.27 4.10
CA GLU C 66 13.38 -26.47 3.63
C GLU C 66 14.32 -27.11 4.67
N GLY C 67 14.08 -28.37 5.02
CA GLY C 67 14.99 -29.02 5.95
C GLY C 67 14.60 -29.42 7.35
N ILE C 68 14.20 -28.47 8.18
CA ILE C 68 13.85 -28.79 9.55
C ILE C 68 12.55 -29.58 9.63
N PHE C 69 12.68 -30.87 9.85
CA PHE C 69 11.53 -31.76 9.93
C PHE C 69 11.38 -32.41 11.30
N GLU C 70 11.46 -31.60 12.36
CA GLU C 70 11.31 -32.11 13.71
C GLU C 70 9.87 -32.58 13.91
N LYS C 71 9.61 -33.12 15.10
CA LYS C 71 8.29 -33.62 15.45
C LYS C 71 8.16 -33.37 16.94
N GLY C 72 6.93 -33.26 17.45
CA GLY C 72 6.77 -33.02 18.87
C GLY C 72 5.40 -32.56 19.35
N ASP C 73 5.35 -32.14 20.62
CA ASP C 73 4.10 -31.69 21.23
C ASP C 73 3.87 -30.21 20.96
N ARG C 74 4.92 -29.42 21.13
CA ARG C 74 4.85 -27.99 20.89
C ARG C 74 5.61 -27.82 19.60
N LEU C 75 4.88 -27.81 18.50
CA LEU C 75 5.49 -27.71 17.20
C LEU C 75 5.11 -26.46 16.40
N TRP C 76 6.11 -25.90 15.72
CA TRP C 76 5.92 -24.72 14.88
C TRP C 76 6.09 -25.18 13.45
N ILE C 77 5.06 -25.01 12.62
CA ILE C 77 5.18 -25.43 11.23
C ILE C 77 5.44 -24.18 10.37
N ILE C 78 6.43 -24.26 9.48
CA ILE C 78 6.82 -23.11 8.68
C ILE C 78 7.05 -23.33 7.19
N ASP C 79 6.53 -22.42 6.36
CA ASP C 79 6.72 -22.45 4.92
C ASP C 79 7.29 -21.06 4.68
N PRO C 80 8.64 -20.95 4.60
CA PRO C 80 9.31 -19.67 4.39
C PRO C 80 8.73 -18.86 3.23
N ILE C 81 8.32 -19.55 2.19
CA ILE C 81 7.69 -18.90 1.04
C ILE C 81 6.75 -19.90 0.39
N ASP C 82 5.46 -19.64 0.53
CA ASP C 82 4.47 -20.51 -0.07
C ASP C 82 4.20 -19.86 -1.40
N GLY C 83 4.69 -20.49 -2.47
CA GLY C 83 4.52 -19.92 -3.80
C GLY C 83 5.84 -19.37 -4.28
N THR C 84 6.89 -20.18 -4.20
CA THR C 84 8.24 -19.77 -4.63
C THR C 84 8.27 -19.47 -6.14
N ILE C 85 7.46 -20.17 -6.92
CA ILE C 85 7.42 -19.95 -8.36
C ILE C 85 6.92 -18.55 -8.65
N ASN C 86 5.80 -18.19 -8.02
CA ASN C 86 5.20 -16.85 -8.15
C ASN C 86 6.23 -15.81 -7.74
N PHE C 87 6.83 -16.02 -6.58
CA PHE C 87 7.83 -15.12 -6.00
C PHE C 87 9.01 -14.87 -6.94
N VAL C 88 9.41 -15.92 -7.65
CA VAL C 88 10.51 -15.88 -8.61
C VAL C 88 10.15 -15.09 -9.87
N HIS C 89 8.97 -15.39 -10.41
CA HIS C 89 8.48 -14.73 -11.62
C HIS C 89 8.02 -13.29 -11.42
N GLY C 90 7.70 -12.92 -10.19
CA GLY C 90 7.26 -11.56 -9.92
C GLY C 90 5.77 -11.39 -9.62
N LEU C 91 5.06 -12.49 -9.49
CA LEU C 91 3.63 -12.41 -9.18
C LEU C 91 3.47 -12.20 -7.67
N PRO C 92 2.47 -11.39 -7.29
CA PRO C 92 2.19 -11.07 -5.89
C PRO C 92 1.63 -12.15 -4.97
N ASN C 93 1.06 -13.19 -5.55
CA ASN C 93 0.50 -14.25 -4.75
C ASN C 93 1.54 -15.23 -4.21
N PHE C 94 2.23 -14.81 -3.17
CA PHE C 94 3.22 -15.62 -2.48
C PHE C 94 3.10 -15.21 -1.02
N SER C 95 3.33 -16.14 -0.10
CA SER C 95 3.17 -15.80 1.30
C SER C 95 4.07 -16.55 2.26
N ILE C 96 4.09 -16.08 3.50
CA ILE C 96 4.87 -16.71 4.55
C ILE C 96 3.84 -17.33 5.48
N SER C 97 4.01 -18.62 5.75
CA SER C 97 3.07 -19.35 6.60
C SER C 97 3.68 -19.73 7.96
N LEU C 98 2.89 -19.61 9.01
CA LEU C 98 3.34 -19.97 10.34
C LEU C 98 2.16 -20.42 11.18
N ALA C 99 2.24 -21.64 11.70
CA ALA C 99 1.18 -22.20 12.54
C ALA C 99 1.81 -22.84 13.76
N TYR C 100 1.09 -22.86 14.86
CA TYR C 100 1.59 -23.48 16.08
C TYR C 100 0.73 -24.67 16.42
N VAL C 101 1.30 -25.86 16.21
CA VAL C 101 0.59 -27.09 16.48
C VAL C 101 0.96 -27.62 17.86
N GLU C 102 -0.07 -27.83 18.67
CA GLU C 102 0.14 -28.34 20.01
C GLU C 102 -0.54 -29.69 20.19
N ASN C 103 0.25 -30.68 20.57
CA ASN C 103 -0.25 -32.03 20.78
C ASN C 103 -1.11 -32.52 19.62
N GLY C 104 -0.68 -32.19 18.41
CA GLY C 104 -1.39 -32.63 17.23
C GLY C 104 -2.35 -31.63 16.63
N GLU C 105 -2.85 -30.70 17.43
CA GLU C 105 -3.77 -29.72 16.87
C GLU C 105 -3.29 -28.28 16.82
N VAL C 106 -3.55 -27.66 15.68
CA VAL C 106 -3.17 -26.27 15.40
C VAL C 106 -3.87 -25.31 16.35
N LYS C 107 -3.09 -24.59 17.16
CA LYS C 107 -3.66 -23.64 18.12
C LYS C 107 -3.78 -22.25 17.52
N LEU C 108 -2.86 -21.93 16.61
CA LEU C 108 -2.85 -20.64 15.95
C LEU C 108 -2.22 -20.74 14.57
N GLY C 109 -2.47 -19.73 13.76
CA GLY C 109 -1.93 -19.71 12.41
C GLY C 109 -2.06 -18.35 11.73
N VAL C 110 -0.98 -17.90 11.11
CA VAL C 110 -1.01 -16.64 10.39
C VAL C 110 -0.43 -16.86 9.00
N VAL C 111 -0.92 -16.08 8.05
CA VAL C 111 -0.47 -16.15 6.66
C VAL C 111 -0.21 -14.72 6.24
N HIS C 112 1.00 -14.44 5.76
CA HIS C 112 1.35 -13.09 5.35
C HIS C 112 1.80 -12.94 3.89
N ALA C 113 1.03 -12.19 3.09
CA ALA C 113 1.36 -11.95 1.70
C ALA C 113 1.93 -10.53 1.67
N PRO C 114 3.26 -10.41 1.63
CA PRO C 114 4.00 -9.14 1.63
C PRO C 114 3.68 -8.15 0.52
N ALA C 115 3.63 -8.65 -0.71
CA ALA C 115 3.36 -7.81 -1.87
C ALA C 115 1.96 -7.31 -1.79
N LEU C 116 1.10 -8.10 -1.14
CA LEU C 116 -0.31 -7.74 -1.02
C LEU C 116 -0.75 -7.00 0.24
N ASN C 117 0.12 -6.95 1.25
CA ASN C 117 -0.19 -6.30 2.53
C ASN C 117 -1.42 -6.98 3.17
N GLU C 118 -1.44 -8.30 3.10
CA GLU C 118 -2.56 -9.08 3.63
C GLU C 118 -2.12 -10.07 4.71
N THR C 119 -2.55 -9.82 5.94
CA THR C 119 -2.21 -10.73 7.01
C THR C 119 -3.46 -11.36 7.58
N LEU C 120 -3.67 -12.61 7.24
CA LEU C 120 -4.84 -13.31 7.72
C LEU C 120 -4.33 -14.25 8.81
N TYR C 121 -5.00 -14.23 9.97
CA TYR C 121 -4.60 -15.06 11.09
C TYR C 121 -5.81 -15.48 11.91
N ALA C 122 -5.60 -16.43 12.82
CA ALA C 122 -6.65 -16.95 13.69
C ALA C 122 -6.01 -17.68 14.85
N GLU C 123 -6.57 -17.53 16.04
CA GLU C 123 -6.07 -18.24 17.20
C GLU C 123 -7.30 -19.01 17.65
N GLU C 124 -7.15 -20.30 17.93
CA GLU C 124 -8.29 -21.12 18.34
C GLU C 124 -9.25 -20.43 19.32
N GLY C 125 -10.55 -20.54 19.04
CA GLY C 125 -11.56 -19.94 19.89
C GLY C 125 -11.55 -18.42 19.96
N SER C 126 -10.96 -17.77 18.96
CA SER C 126 -10.89 -16.32 18.94
C SER C 126 -11.37 -15.72 17.63
N GLY C 127 -11.70 -16.57 16.67
CA GLY C 127 -12.16 -16.06 15.39
C GLY C 127 -11.01 -15.77 14.44
N ALA C 128 -11.34 -15.49 13.18
CA ALA C 128 -10.35 -15.20 12.15
C ALA C 128 -10.31 -13.70 11.84
N PHE C 129 -9.11 -13.20 11.55
CA PHE C 129 -8.92 -11.78 11.24
C PHE C 129 -8.22 -11.56 9.89
N PHE C 130 -8.22 -10.30 9.47
CA PHE C 130 -7.59 -9.86 8.24
C PHE C 130 -7.15 -8.42 8.55
N ASN C 131 -5.88 -8.27 8.91
CA ASN C 131 -5.31 -6.97 9.26
C ASN C 131 -6.07 -6.28 10.40
N GLY C 132 -6.51 -7.07 11.38
CA GLY C 132 -7.21 -6.48 12.51
C GLY C 132 -8.73 -6.52 12.47
N GLU C 133 -9.31 -6.84 11.32
CA GLU C 133 -10.75 -6.89 11.26
C GLU C 133 -11.16 -8.34 11.07
N ARG C 134 -12.30 -8.68 11.65
CA ARG C 134 -12.85 -10.03 11.59
C ARG C 134 -13.34 -10.40 10.21
N ILE C 135 -13.10 -11.65 9.82
CA ILE C 135 -13.58 -12.14 8.54
C ILE C 135 -14.34 -13.43 8.87
N ARG C 136 -15.20 -13.84 7.95
CA ARG C 136 -15.98 -15.04 8.10
C ARG C 136 -16.14 -15.65 6.73
N VAL C 137 -16.33 -16.97 6.69
CA VAL C 137 -16.51 -17.73 5.47
C VAL C 137 -17.67 -17.12 4.65
N SER C 138 -17.71 -17.37 3.35
CA SER C 138 -18.77 -16.80 2.51
C SER C 138 -20.13 -17.41 2.82
N GLU C 139 -21.16 -16.87 2.17
CA GLU C 139 -22.53 -17.33 2.37
C GLU C 139 -23.16 -17.89 1.11
N ASN C 140 -22.34 -18.15 0.09
CA ASN C 140 -22.85 -18.70 -1.14
C ASN C 140 -23.23 -20.15 -0.90
N ALA C 141 -24.53 -20.44 -1.03
CA ALA C 141 -25.06 -21.77 -0.79
C ALA C 141 -25.27 -22.57 -2.07
N SER C 142 -25.03 -21.92 -3.20
CA SER C 142 -25.18 -22.56 -4.51
C SER C 142 -23.85 -22.56 -5.26
N LEU C 143 -23.50 -23.69 -5.86
CA LEU C 143 -22.25 -23.82 -6.62
C LEU C 143 -22.20 -22.83 -7.79
N GLU C 144 -23.28 -22.73 -8.54
CA GLU C 144 -23.37 -21.81 -9.67
C GLU C 144 -23.12 -20.37 -9.19
N GLU C 145 -23.22 -20.17 -7.88
CA GLU C 145 -23.04 -18.86 -7.28
C GLU C 145 -21.66 -18.74 -6.63
N CYS C 146 -20.81 -19.73 -6.89
CA CYS C 146 -19.47 -19.79 -6.31
C CYS C 146 -18.26 -19.56 -7.20
N VAL C 147 -17.12 -19.41 -6.51
CA VAL C 147 -15.80 -19.26 -7.11
C VAL C 147 -14.96 -20.24 -6.31
N GLY C 148 -14.39 -21.23 -6.99
CA GLY C 148 -13.58 -22.22 -6.30
C GLY C 148 -12.13 -22.04 -6.69
N SER C 149 -11.28 -22.96 -6.28
CA SER C 149 -9.87 -22.87 -6.62
C SER C 149 -9.09 -24.09 -6.19
N THR C 150 -7.98 -24.33 -6.87
CA THR C 150 -7.11 -25.46 -6.54
C THR C 150 -5.69 -25.05 -6.84
N GLY C 151 -4.78 -26.00 -6.67
CA GLY C 151 -3.37 -25.77 -6.95
C GLY C 151 -3.03 -26.33 -8.31
N SER C 152 -1.74 -26.36 -8.65
CA SER C 152 -1.32 -26.86 -9.94
C SER C 152 -0.78 -28.28 -9.80
N TYR C 153 -1.58 -29.26 -10.23
CA TYR C 153 -1.24 -30.66 -10.14
C TYR C 153 -1.26 -31.38 -11.48
N VAL C 154 -0.55 -32.49 -11.52
CA VAL C 154 -0.41 -33.32 -12.71
C VAL C 154 -1.68 -33.62 -13.47
N ASP C 155 -2.47 -34.55 -12.96
CA ASP C 155 -3.70 -34.97 -13.62
C ASP C 155 -4.87 -34.17 -13.09
N PHE C 156 -4.92 -34.11 -11.77
CA PHE C 156 -5.95 -33.43 -11.00
C PHE C 156 -6.53 -32.14 -11.60
N THR C 157 -5.73 -31.08 -11.58
CA THR C 157 -6.12 -29.75 -12.07
C THR C 157 -7.00 -29.72 -13.30
N GLY C 158 -6.51 -30.29 -14.40
CA GLY C 158 -7.26 -30.31 -15.64
C GLY C 158 -8.63 -30.95 -15.50
N LYS C 159 -8.64 -32.20 -15.07
CA LYS C 159 -9.91 -32.89 -14.90
C LYS C 159 -10.80 -32.08 -13.97
N PHE C 160 -10.21 -31.58 -12.90
CA PHE C 160 -10.96 -30.77 -11.96
C PHE C 160 -11.66 -29.64 -12.69
N ILE C 161 -10.88 -28.74 -13.26
CA ILE C 161 -11.44 -27.60 -13.97
C ILE C 161 -12.56 -28.01 -14.95
N GLU C 162 -12.42 -29.17 -15.58
CA GLU C 162 -13.44 -29.62 -16.53
C GLU C 162 -14.70 -30.06 -15.80
N ARG C 163 -14.49 -30.77 -14.70
CA ARG C 163 -15.60 -31.28 -13.91
C ARG C 163 -16.17 -30.27 -12.92
N MET C 164 -15.84 -29.00 -13.09
CA MET C 164 -16.35 -27.97 -12.19
C MET C 164 -16.82 -26.74 -12.94
N GLU C 165 -16.08 -26.36 -13.98
CA GLU C 165 -16.42 -25.18 -14.77
C GLU C 165 -17.90 -24.94 -15.05
N LYS C 166 -18.56 -25.93 -15.65
CA LYS C 166 -19.98 -25.82 -15.98
C LYS C 166 -20.88 -25.90 -14.76
N ARG C 167 -20.33 -25.71 -13.57
CA ARG C 167 -21.15 -25.81 -12.36
C ARG C 167 -20.79 -24.76 -11.31
N THR C 168 -20.03 -23.76 -11.73
CA THR C 168 -19.59 -22.70 -10.82
C THR C 168 -19.23 -21.49 -11.66
N ARG C 169 -19.30 -20.30 -11.07
CA ARG C 169 -18.97 -19.07 -11.80
C ARG C 169 -17.60 -19.18 -12.43
N ARG C 170 -16.60 -19.49 -11.61
CA ARG C 170 -15.23 -19.64 -12.08
C ARG C 170 -14.34 -20.32 -11.05
N ILE C 171 -13.25 -20.91 -11.54
CA ILE C 171 -12.26 -21.58 -10.71
C ILE C 171 -10.99 -20.76 -10.89
N ARG C 172 -10.28 -20.51 -9.79
CA ARG C 172 -9.06 -19.70 -9.79
C ARG C 172 -7.81 -20.47 -9.40
N ILE C 173 -6.69 -20.11 -10.02
CA ILE C 173 -5.42 -20.75 -9.73
C ILE C 173 -4.48 -19.57 -9.50
N LEU C 174 -4.37 -19.17 -8.23
CA LEU C 174 -3.58 -18.03 -7.86
C LEU C 174 -2.13 -18.31 -7.51
N GLY C 175 -1.83 -19.47 -6.93
CA GLY C 175 -0.43 -19.77 -6.66
C GLY C 175 0.14 -19.96 -5.26
N SER C 176 -0.63 -19.62 -4.23
CA SER C 176 -0.13 -19.79 -2.85
C SER C 176 -1.14 -20.57 -2.06
N ALA C 177 -0.79 -21.78 -1.65
CA ALA C 177 -1.69 -22.63 -0.89
C ALA C 177 -2.25 -21.96 0.36
N ALA C 178 -1.36 -21.51 1.23
CA ALA C 178 -1.77 -20.86 2.47
C ALA C 178 -2.70 -19.68 2.18
N LEU C 179 -2.27 -18.82 1.25
CA LEU C 179 -3.07 -17.66 0.90
C LEU C 179 -4.46 -18.08 0.41
N ASN C 180 -4.51 -19.09 -0.46
CA ASN C 180 -5.78 -19.58 -0.98
C ASN C 180 -6.71 -20.13 0.10
N ALA C 181 -6.18 -20.93 1.02
CA ALA C 181 -6.99 -21.49 2.11
C ALA C 181 -7.53 -20.31 2.93
N ALA C 182 -6.63 -19.42 3.35
CA ALA C 182 -6.99 -18.23 4.13
C ALA C 182 -8.06 -17.41 3.43
N TYR C 183 -8.07 -17.42 2.10
CA TYR C 183 -9.08 -16.66 1.35
C TYR C 183 -10.46 -17.27 1.48
N VAL C 184 -10.51 -18.57 1.75
CA VAL C 184 -11.80 -19.21 1.95
C VAL C 184 -12.30 -18.62 3.27
N GLY C 185 -11.38 -18.41 4.21
CA GLY C 185 -11.73 -17.85 5.51
C GLY C 185 -12.15 -16.40 5.44
N ALA C 186 -11.53 -15.66 4.51
CA ALA C 186 -11.84 -14.25 4.28
C ALA C 186 -13.14 -14.12 3.50
N GLY C 187 -13.58 -15.23 2.90
CA GLY C 187 -14.80 -15.25 2.09
C GLY C 187 -14.59 -14.82 0.62
N ARG C 188 -13.34 -14.63 0.19
CA ARG C 188 -13.04 -14.20 -1.19
C ARG C 188 -13.20 -15.29 -2.24
N VAL C 189 -13.15 -16.54 -1.80
CA VAL C 189 -13.36 -17.68 -2.68
C VAL C 189 -14.28 -18.57 -1.85
N ASP C 190 -14.97 -19.53 -2.46
CA ASP C 190 -15.89 -20.34 -1.68
C ASP C 190 -15.35 -21.68 -1.20
N PHE C 191 -14.30 -22.17 -1.86
CA PHE C 191 -13.68 -23.43 -1.49
C PHE C 191 -12.33 -23.58 -2.16
N PHE C 192 -11.40 -24.22 -1.47
CA PHE C 192 -10.07 -24.46 -2.00
C PHE C 192 -9.75 -25.94 -1.89
N VAL C 193 -9.25 -26.54 -2.96
CA VAL C 193 -8.92 -27.96 -2.95
C VAL C 193 -7.45 -28.20 -3.24
N THR C 194 -6.76 -28.89 -2.31
CA THR C 194 -5.35 -29.23 -2.47
C THR C 194 -5.15 -30.74 -2.51
N TRP C 195 -4.26 -31.16 -3.38
CA TRP C 195 -3.96 -32.57 -3.59
C TRP C 195 -2.49 -32.89 -3.28
N ARG C 196 -2.26 -34.04 -2.65
CA ARG C 196 -0.91 -34.49 -2.29
C ARG C 196 -0.11 -33.27 -1.87
N ILE C 197 -0.51 -32.73 -0.73
CA ILE C 197 0.09 -31.53 -0.18
C ILE C 197 0.96 -31.85 1.02
N ASN C 198 1.48 -30.82 1.68
CA ASN C 198 2.31 -30.98 2.87
C ASN C 198 1.73 -30.21 4.05
N PRO C 199 2.09 -30.60 5.28
CA PRO C 199 1.57 -29.89 6.44
C PRO C 199 1.86 -28.41 6.44
N TRP C 200 3.08 -28.02 6.09
CA TRP C 200 3.44 -26.59 6.10
C TRP C 200 2.67 -25.80 5.05
N ASP C 201 2.04 -26.49 4.11
CA ASP C 201 1.27 -25.80 3.10
C ASP C 201 -0.14 -25.50 3.59
N ILE C 202 -0.66 -26.32 4.51
CA ILE C 202 -2.03 -26.13 5.01
C ILE C 202 -2.31 -25.93 6.51
N ALA C 203 -1.31 -26.01 7.36
CA ALA C 203 -1.54 -25.85 8.80
C ALA C 203 -2.16 -24.51 9.20
N ALA C 204 -1.58 -23.41 8.72
CA ALA C 204 -2.09 -22.08 9.03
C ALA C 204 -3.49 -21.89 8.47
N GLY C 205 -3.69 -22.26 7.21
CA GLY C 205 -5.00 -22.11 6.61
C GLY C 205 -6.08 -22.91 7.31
N LEU C 206 -5.71 -24.10 7.78
CA LEU C 206 -6.66 -24.98 8.45
C LEU C 206 -7.40 -24.29 9.58
N ILE C 207 -6.67 -23.71 10.52
CA ILE C 207 -7.33 -23.04 11.63
C ILE C 207 -8.04 -21.75 11.22
N ILE C 208 -7.44 -20.98 10.30
CA ILE C 208 -8.06 -19.73 9.85
C ILE C 208 -9.45 -20.03 9.27
N VAL C 209 -9.53 -21.01 8.38
CA VAL C 209 -10.80 -21.35 7.78
C VAL C 209 -11.80 -21.92 8.79
N LYS C 210 -11.32 -22.69 9.76
CA LYS C 210 -12.22 -23.25 10.78
C LYS C 210 -12.75 -22.15 11.68
N GLU C 211 -11.86 -21.26 12.13
CA GLU C 211 -12.22 -20.12 12.98
C GLU C 211 -13.11 -19.16 12.20
N ALA C 212 -12.91 -19.09 10.89
CA ALA C 212 -13.71 -18.22 10.05
C ALA C 212 -15.13 -18.77 9.91
N GLY C 213 -15.32 -19.99 10.40
CA GLY C 213 -16.63 -20.62 10.34
C GLY C 213 -16.85 -21.66 9.25
N GLY C 214 -15.81 -21.95 8.47
CA GLY C 214 -15.95 -22.92 7.39
C GLY C 214 -15.57 -24.34 7.77
N MET C 215 -15.38 -25.19 6.76
CA MET C 215 -15.03 -26.58 7.01
C MET C 215 -13.81 -27.06 6.23
N VAL C 216 -13.01 -27.90 6.90
CA VAL C 216 -11.81 -28.47 6.32
C VAL C 216 -11.79 -29.99 6.54
N THR C 217 -11.96 -30.74 5.46
CA THR C 217 -11.96 -32.20 5.51
C THR C 217 -11.02 -32.73 4.44
N ASP C 218 -10.69 -34.01 4.54
CA ASP C 218 -9.84 -34.63 3.55
C ASP C 218 -10.76 -35.01 2.39
N PHE C 219 -10.24 -35.67 1.37
CA PHE C 219 -11.05 -36.01 0.22
C PHE C 219 -12.20 -36.98 0.51
N SER C 220 -12.27 -37.51 1.72
CA SER C 220 -13.34 -38.45 2.05
C SER C 220 -14.42 -37.79 2.90
N GLY C 221 -14.20 -36.53 3.26
CA GLY C 221 -15.18 -35.81 4.07
C GLY C 221 -14.82 -35.84 5.54
N LYS C 222 -13.91 -36.73 5.89
CA LYS C 222 -13.44 -36.87 7.25
C LYS C 222 -12.71 -35.59 7.60
N GLU C 223 -13.00 -35.00 8.76
CA GLU C 223 -12.30 -33.79 9.14
C GLU C 223 -10.81 -34.05 8.98
N ALA C 224 -10.03 -32.99 8.86
CA ALA C 224 -8.59 -33.18 8.70
C ALA C 224 -7.77 -32.45 9.75
N ASN C 225 -6.48 -32.77 9.76
CA ASN C 225 -5.53 -32.12 10.67
C ASN C 225 -4.37 -31.69 9.79
N ALA C 226 -3.34 -31.09 10.39
CA ALA C 226 -2.18 -30.62 9.64
C ALA C 226 -1.51 -31.74 8.85
N PHE C 227 -1.79 -32.98 9.23
CA PHE C 227 -1.17 -34.12 8.61
C PHE C 227 -1.91 -34.87 7.47
N SER C 228 -3.17 -34.53 7.20
CA SER C 228 -3.87 -35.22 6.11
C SER C 228 -3.12 -34.92 4.81
N LYS C 229 -3.30 -35.75 3.79
CA LYS C 229 -2.61 -35.54 2.52
C LYS C 229 -3.36 -34.66 1.52
N ASN C 230 -4.68 -34.80 1.50
CA ASN C 230 -5.53 -34.04 0.59
C ASN C 230 -6.53 -33.19 1.40
N PHE C 231 -6.86 -32.00 0.89
CA PHE C 231 -7.76 -31.10 1.61
C PHE C 231 -8.86 -30.46 0.79
N ILE C 232 -9.85 -29.98 1.51
CA ILE C 232 -11.00 -29.29 0.95
C ILE C 232 -11.47 -28.27 1.97
N PHE C 233 -11.18 -27.00 1.69
CA PHE C 233 -11.60 -25.93 2.56
C PHE C 233 -12.85 -25.34 1.91
N SER C 234 -13.90 -25.11 2.67
CA SER C 234 -15.11 -24.50 2.10
C SER C 234 -15.83 -23.65 3.15
N ASN C 235 -16.95 -23.06 2.75
CA ASN C 235 -17.75 -22.23 3.65
C ASN C 235 -18.73 -23.10 4.43
N GLY C 236 -18.65 -24.41 4.20
CA GLY C 236 -19.53 -25.36 4.88
C GLY C 236 -20.87 -25.54 4.21
N LEU C 237 -21.22 -24.62 3.32
CA LEU C 237 -22.50 -24.64 2.62
C LEU C 237 -22.51 -25.42 1.32
N ILE C 238 -21.35 -25.51 0.69
CA ILE C 238 -21.23 -26.17 -0.60
C ILE C 238 -20.36 -27.44 -0.58
N HIS C 239 -19.79 -27.75 0.59
CA HIS C 239 -18.89 -28.89 0.78
C HIS C 239 -19.18 -30.23 0.07
N ASP C 240 -20.34 -30.81 0.37
CA ASP C 240 -20.72 -32.10 -0.20
C ASP C 240 -20.60 -32.10 -1.69
N GLU C 241 -21.14 -31.07 -2.32
CA GLU C 241 -21.09 -30.95 -3.78
C GLU C 241 -19.63 -31.01 -4.23
N VAL C 242 -18.76 -30.38 -3.45
CA VAL C 242 -17.33 -30.35 -3.78
C VAL C 242 -16.66 -31.71 -3.61
N VAL C 243 -16.83 -32.33 -2.43
CA VAL C 243 -16.23 -33.64 -2.15
C VAL C 243 -16.63 -34.63 -3.24
N LYS C 244 -17.91 -34.58 -3.62
CA LYS C 244 -18.43 -35.46 -4.64
C LYS C 244 -17.63 -35.30 -5.93
N VAL C 245 -17.60 -34.08 -6.47
CA VAL C 245 -16.87 -33.82 -7.71
C VAL C 245 -15.39 -34.17 -7.63
N VAL C 246 -14.76 -33.86 -6.51
CA VAL C 246 -13.36 -34.15 -6.30
C VAL C 246 -13.07 -35.63 -6.49
N ASN C 247 -13.88 -36.47 -5.86
CA ASN C 247 -13.70 -37.90 -5.98
C ASN C 247 -14.00 -38.36 -7.41
N GLU C 248 -14.90 -37.66 -8.08
CA GLU C 248 -15.21 -38.02 -9.45
C GLU C 248 -13.95 -37.80 -10.26
N VAL C 249 -13.07 -36.95 -9.74
CA VAL C 249 -11.79 -36.64 -10.39
C VAL C 249 -10.72 -37.64 -9.95
N VAL C 250 -10.73 -37.99 -8.68
CA VAL C 250 -9.77 -38.97 -8.13
C VAL C 250 -10.09 -40.31 -8.78
N GLU C 251 -11.36 -40.44 -9.15
CA GLU C 251 -11.88 -41.64 -9.79
C GLU C 251 -11.36 -41.82 -11.22
N GLU C 252 -11.45 -40.77 -12.04
CA GLU C 252 -10.98 -40.84 -13.43
C GLU C 252 -9.48 -41.09 -13.52
N ILE C 253 -8.73 -40.30 -12.77
CA ILE C 253 -7.28 -40.42 -12.72
C ILE C 253 -6.94 -41.84 -12.27
N GLY C 254 -7.29 -42.14 -11.03
CA GLY C 254 -7.03 -43.45 -10.47
C GLY C 254 -6.81 -43.35 -8.97
N GLY C 255 -6.78 -44.49 -8.30
CA GLY C 255 -6.58 -44.50 -6.86
C GLY C 255 -6.22 -45.90 -6.37
N LYS C 256 -7.23 -46.78 -6.34
CA LYS C 256 -7.06 -48.15 -5.90
C LYS C 256 -8.30 -48.99 -6.25
N MET D 1 0.98 11.46 -22.70
CA MET D 1 1.58 12.66 -22.04
C MET D 1 0.51 13.64 -21.55
N ASP D 2 -0.38 14.03 -22.44
CA ASP D 2 -1.48 14.90 -22.08
C ASP D 2 -2.50 13.80 -21.84
N ARG D 3 -2.69 12.98 -22.87
CA ARG D 3 -3.63 11.88 -22.81
C ARG D 3 -3.22 10.77 -21.84
N LEU D 4 -1.94 10.39 -21.84
CA LEU D 4 -1.50 9.32 -20.94
C LEU D 4 -1.66 9.68 -19.46
N ASP D 5 -1.18 10.87 -19.09
CA ASP D 5 -1.24 11.36 -17.72
C ASP D 5 -2.70 11.45 -17.28
N PHE D 6 -3.52 12.01 -18.14
CA PHE D 6 -4.94 12.16 -17.88
C PHE D 6 -5.55 10.79 -17.61
N SER D 7 -5.15 9.80 -18.41
CA SER D 7 -5.65 8.44 -18.27
C SER D 7 -5.20 7.77 -16.97
N ILE D 8 -3.95 7.97 -16.63
CA ILE D 8 -3.40 7.39 -15.42
C ILE D 8 -4.03 7.93 -14.14
N LYS D 9 -4.28 9.24 -14.12
CA LYS D 9 -4.86 9.88 -12.95
C LYS D 9 -6.36 9.58 -12.80
N LEU D 10 -7.05 9.54 -13.94
CA LEU D 10 -8.47 9.25 -13.94
C LEU D 10 -8.69 7.85 -13.36
N LEU D 11 -7.99 6.86 -13.91
CA LEU D 11 -8.13 5.48 -13.44
C LEU D 11 -7.78 5.30 -11.94
N ARG D 12 -6.76 6.01 -11.47
CA ARG D 12 -6.41 5.86 -10.08
C ARG D 12 -7.48 6.48 -9.23
N LYS D 13 -8.10 7.54 -9.73
CA LYS D 13 -9.16 8.23 -9.01
C LYS D 13 -10.36 7.32 -8.96
N VAL D 14 -10.79 6.84 -10.12
CA VAL D 14 -11.93 5.93 -10.20
C VAL D 14 -11.62 4.68 -9.37
N GLY D 15 -10.33 4.33 -9.30
CA GLY D 15 -9.92 3.17 -8.53
C GLY D 15 -10.45 3.15 -7.12
N HIS D 16 -10.42 4.30 -6.45
CA HIS D 16 -10.91 4.38 -5.08
C HIS D 16 -12.44 4.22 -4.96
N LEU D 17 -13.18 4.61 -5.98
CA LEU D 17 -14.63 4.45 -5.97
C LEU D 17 -14.89 2.96 -5.81
N LEU D 18 -14.12 2.20 -6.59
CA LEU D 18 -14.18 0.75 -6.62
C LEU D 18 -13.88 0.13 -5.26
N MET D 19 -12.84 0.65 -4.59
CA MET D 19 -12.40 0.15 -3.29
C MET D 19 -13.43 0.28 -2.19
N ILE D 20 -14.35 1.21 -2.38
CA ILE D 20 -15.42 1.44 -1.42
C ILE D 20 -16.39 0.26 -1.39
N HIS D 21 -16.66 -0.29 -2.57
CA HIS D 21 -17.62 -1.38 -2.74
C HIS D 21 -17.00 -2.73 -2.99
N TRP D 22 -15.68 -2.79 -3.03
CA TRP D 22 -14.97 -4.02 -3.30
C TRP D 22 -15.39 -5.15 -2.34
N GLY D 23 -15.94 -6.21 -2.92
CA GLY D 23 -16.39 -7.35 -2.12
C GLY D 23 -17.72 -7.11 -1.41
N ARG D 24 -18.26 -5.91 -1.51
CA ARG D 24 -19.52 -5.60 -0.87
C ARG D 24 -20.55 -5.12 -1.87
N VAL D 25 -20.72 -5.88 -2.94
CA VAL D 25 -21.69 -5.54 -3.98
C VAL D 25 -22.93 -6.36 -3.74
N ASP D 26 -24.01 -5.70 -3.34
CA ASP D 26 -25.27 -6.39 -3.05
C ASP D 26 -26.05 -6.99 -4.24
N ASN D 27 -26.39 -6.16 -5.22
CA ASN D 27 -27.14 -6.66 -6.36
C ASN D 27 -26.34 -6.90 -7.64
N VAL D 28 -26.27 -8.17 -8.02
CA VAL D 28 -25.56 -8.63 -9.19
C VAL D 28 -26.52 -9.04 -10.31
N GLU D 29 -26.52 -8.28 -11.39
CA GLU D 29 -27.38 -8.55 -12.54
C GLU D 29 -26.67 -9.46 -13.52
N LYS D 30 -27.43 -10.32 -14.18
CA LYS D 30 -26.87 -11.28 -15.15
C LYS D 30 -26.96 -10.79 -16.59
N LYS D 31 -25.82 -10.79 -17.29
CA LYS D 31 -25.77 -10.36 -18.68
C LYS D 31 -26.09 -11.55 -19.59
N THR D 32 -25.37 -12.65 -19.38
CA THR D 32 -25.55 -13.86 -20.15
C THR D 32 -25.34 -15.09 -19.26
N GLY D 33 -25.91 -15.03 -18.05
CA GLY D 33 -25.79 -16.13 -17.11
C GLY D 33 -24.86 -15.75 -15.97
N PHE D 34 -24.82 -16.59 -14.94
CA PHE D 34 -23.98 -16.37 -13.76
C PHE D 34 -22.51 -16.29 -14.16
N LYS D 35 -22.24 -16.77 -15.37
CA LYS D 35 -20.90 -16.81 -15.93
C LYS D 35 -20.41 -15.40 -16.30
N ASP D 36 -21.34 -14.51 -16.64
CA ASP D 36 -21.00 -13.14 -17.01
C ASP D 36 -21.99 -12.13 -16.44
N ILE D 37 -21.56 -11.40 -15.42
CA ILE D 37 -22.43 -10.40 -14.80
C ILE D 37 -21.85 -8.98 -14.83
N VAL D 38 -22.64 -8.05 -14.30
CA VAL D 38 -22.28 -6.64 -14.22
C VAL D 38 -22.96 -6.17 -12.95
N THR D 39 -22.49 -5.08 -12.37
CA THR D 39 -23.12 -4.57 -11.17
C THR D 39 -23.26 -3.07 -11.34
N GLU D 40 -23.97 -2.41 -10.42
CA GLU D 40 -24.14 -0.98 -10.55
C GLU D 40 -22.84 -0.28 -10.29
N ILE D 41 -21.85 -1.00 -9.77
CA ILE D 41 -20.59 -0.35 -9.51
C ILE D 41 -19.86 -0.27 -10.82
N ASP D 42 -20.04 -1.25 -11.69
CA ASP D 42 -19.40 -1.21 -12.99
C ASP D 42 -19.94 0.05 -13.65
N ARG D 43 -21.25 0.21 -13.62
CA ARG D 43 -21.92 1.35 -14.25
C ARG D 43 -21.55 2.67 -13.59
N GLU D 44 -21.53 2.65 -12.27
CA GLU D 44 -21.20 3.84 -11.51
C GLU D 44 -19.79 4.31 -11.83
N ALA D 45 -18.85 3.38 -11.95
CA ALA D 45 -17.46 3.73 -12.26
C ALA D 45 -17.30 4.13 -13.73
N GLN D 46 -18.01 3.43 -14.62
CA GLN D 46 -17.95 3.74 -16.04
C GLN D 46 -18.39 5.18 -16.21
N ARG D 47 -19.51 5.53 -15.59
CA ARG D 47 -20.06 6.89 -15.67
C ARG D 47 -19.03 7.95 -15.22
N MET D 48 -18.23 7.61 -14.22
CA MET D 48 -17.23 8.53 -13.70
C MET D 48 -16.08 8.72 -14.70
N ILE D 49 -15.81 7.68 -15.49
CA ILE D 49 -14.74 7.73 -16.48
C ILE D 49 -15.23 8.50 -17.70
N VAL D 50 -16.37 8.07 -18.21
CA VAL D 50 -17.02 8.70 -19.37
C VAL D 50 -17.18 10.21 -19.12
N ASP D 51 -17.62 10.54 -17.92
CA ASP D 51 -17.84 11.90 -17.48
C ASP D 51 -16.63 12.80 -17.74
N GLU D 52 -15.44 12.34 -17.33
CA GLU D 52 -14.23 13.14 -17.51
C GLU D 52 -13.82 13.26 -18.97
N ILE D 53 -13.89 12.15 -19.70
CA ILE D 53 -13.53 12.13 -21.12
C ILE D 53 -14.44 13.07 -21.91
N ARG D 54 -15.73 13.05 -21.61
CA ARG D 54 -16.65 13.95 -22.31
C ARG D 54 -16.20 15.38 -22.04
N LYS D 55 -15.81 15.67 -20.80
CA LYS D 55 -15.38 17.01 -20.43
C LYS D 55 -14.12 17.53 -21.10
N PHE D 56 -13.12 16.67 -21.25
CA PHE D 56 -11.86 17.11 -21.83
C PHE D 56 -11.62 16.75 -23.30
N PHE D 57 -12.44 15.85 -23.82
CA PHE D 57 -12.34 15.41 -25.22
C PHE D 57 -13.79 15.22 -25.70
N PRO D 58 -14.62 16.26 -25.53
CA PRO D 58 -16.04 16.28 -25.90
C PRO D 58 -16.35 15.90 -27.34
N ASP D 59 -15.40 16.15 -28.23
CA ASP D 59 -15.57 15.86 -29.65
C ASP D 59 -15.02 14.49 -30.06
N GLU D 60 -14.91 13.58 -29.11
CA GLU D 60 -14.38 12.24 -29.38
C GLU D 60 -15.34 11.10 -29.04
N ASN D 61 -15.11 9.95 -29.68
CA ASN D 61 -15.94 8.77 -29.48
C ASN D 61 -15.59 7.91 -28.29
N ILE D 62 -16.58 7.14 -27.83
CA ILE D 62 -16.44 6.25 -26.68
C ILE D 62 -17.07 4.87 -26.88
N MET D 63 -16.32 3.84 -26.52
CA MET D 63 -16.80 2.46 -26.58
C MET D 63 -16.56 1.89 -25.19
N ALA D 64 -17.61 1.84 -24.39
CA ALA D 64 -17.54 1.33 -23.02
C ALA D 64 -18.25 -0.01 -22.97
N GLU D 65 -17.73 -0.93 -22.17
CA GLU D 65 -18.34 -2.26 -22.06
C GLU D 65 -19.82 -2.21 -21.66
N GLU D 66 -20.14 -1.48 -20.60
CA GLU D 66 -21.51 -1.42 -20.11
C GLU D 66 -22.48 -0.45 -20.82
N GLY D 67 -22.69 -0.61 -22.13
CA GLY D 67 -23.66 0.24 -22.79
C GLY D 67 -23.34 1.38 -23.73
N ILE D 68 -22.07 1.66 -24.00
CA ILE D 68 -21.73 2.73 -24.93
C ILE D 68 -20.91 2.12 -26.04
N PHE D 69 -21.42 2.16 -27.26
CA PHE D 69 -20.69 1.56 -28.36
C PHE D 69 -20.63 2.48 -29.56
N GLU D 70 -19.78 3.50 -29.45
CA GLU D 70 -19.61 4.46 -30.54
C GLU D 70 -18.47 4.04 -31.45
N LYS D 71 -18.32 4.76 -32.55
CA LYS D 71 -17.28 4.47 -33.53
C LYS D 71 -16.72 5.78 -34.04
N GLY D 72 -15.42 5.83 -34.31
CA GLY D 72 -14.83 7.06 -34.80
C GLY D 72 -13.34 6.98 -34.94
N ASP D 73 -12.73 8.05 -35.48
CA ASP D 73 -11.29 8.09 -35.67
C ASP D 73 -10.61 8.27 -34.33
N ARG D 74 -11.09 9.22 -33.53
CA ARG D 74 -10.56 9.40 -32.18
C ARG D 74 -11.55 8.60 -31.31
N LEU D 75 -11.06 7.55 -30.66
CA LEU D 75 -11.92 6.69 -29.85
C LEU D 75 -11.28 6.24 -28.52
N TRP D 76 -12.09 6.11 -27.48
CA TRP D 76 -11.60 5.67 -26.18
C TRP D 76 -12.30 4.36 -25.84
N ILE D 77 -11.53 3.30 -25.63
CA ILE D 77 -12.10 2.00 -25.28
C ILE D 77 -12.08 1.87 -23.74
N ILE D 78 -13.21 1.47 -23.16
CA ILE D 78 -13.29 1.37 -21.69
C ILE D 78 -13.87 0.08 -21.10
N ASP D 79 -13.30 -0.34 -19.99
CA ASP D 79 -13.81 -1.48 -19.25
C ASP D 79 -13.81 -0.96 -17.81
N PRO D 80 -15.01 -0.62 -17.28
CA PRO D 80 -15.20 -0.10 -15.92
C PRO D 80 -14.52 -0.98 -14.87
N ILE D 81 -14.75 -2.28 -14.98
CA ILE D 81 -14.16 -3.26 -14.09
C ILE D 81 -13.89 -4.53 -14.88
N ASP D 82 -12.63 -4.90 -15.03
CA ASP D 82 -12.33 -6.15 -15.72
C ASP D 82 -12.09 -7.12 -14.57
N GLY D 83 -12.93 -8.15 -14.48
CA GLY D 83 -12.81 -9.10 -13.41
C GLY D 83 -13.89 -8.78 -12.40
N THR D 84 -15.10 -8.53 -12.90
CA THR D 84 -16.23 -8.18 -12.05
C THR D 84 -16.53 -9.27 -11.03
N ILE D 85 -16.40 -10.52 -11.43
CA ILE D 85 -16.68 -11.63 -10.54
C ILE D 85 -15.71 -11.60 -9.38
N ASN D 86 -14.46 -11.28 -9.70
CA ASN D 86 -13.40 -11.16 -8.71
C ASN D 86 -13.74 -9.99 -7.81
N PHE D 87 -14.15 -8.88 -8.42
CA PHE D 87 -14.51 -7.67 -7.68
C PHE D 87 -15.60 -8.00 -6.65
N VAL D 88 -16.61 -8.74 -7.11
CA VAL D 88 -17.76 -9.12 -6.30
C VAL D 88 -17.40 -9.99 -5.11
N HIS D 89 -16.65 -11.05 -5.36
CA HIS D 89 -16.26 -11.96 -4.29
C HIS D 89 -15.23 -11.36 -3.35
N GLY D 90 -14.55 -10.31 -3.80
CA GLY D 90 -13.54 -9.69 -2.94
C GLY D 90 -12.11 -10.09 -3.24
N LEU D 91 -11.85 -10.57 -4.45
CA LEU D 91 -10.50 -10.95 -4.83
C LEU D 91 -9.81 -9.68 -5.37
N PRO D 92 -8.53 -9.47 -5.04
CA PRO D 92 -7.81 -8.28 -5.50
C PRO D 92 -7.53 -8.18 -7.00
N ASN D 93 -7.63 -9.29 -7.72
CA ASN D 93 -7.36 -9.27 -9.17
C ASN D 93 -8.49 -8.76 -10.03
N PHE D 94 -8.65 -7.45 -10.06
CA PHE D 94 -9.64 -6.78 -10.88
C PHE D 94 -9.01 -5.45 -11.25
N SER D 95 -9.39 -4.89 -12.39
CA SER D 95 -8.78 -3.62 -12.78
C SER D 95 -9.62 -2.80 -13.74
N ILE D 96 -9.23 -1.55 -13.89
CA ILE D 96 -9.89 -0.65 -14.81
C ILE D 96 -8.97 -0.62 -16.04
N SER D 97 -9.57 -0.55 -17.22
CA SER D 97 -8.82 -0.54 -18.47
C SER D 97 -9.27 0.61 -19.37
N LEU D 98 -8.32 1.32 -19.96
CA LEU D 98 -8.65 2.43 -20.83
C LEU D 98 -7.62 2.53 -21.95
N ALA D 99 -8.12 2.67 -23.17
CA ALA D 99 -7.26 2.78 -24.34
C ALA D 99 -7.79 3.88 -25.24
N TYR D 100 -6.89 4.63 -25.84
CA TYR D 100 -7.27 5.67 -26.81
C TYR D 100 -6.81 5.14 -28.17
N VAL D 101 -7.77 4.90 -29.05
CA VAL D 101 -7.51 4.38 -30.37
C VAL D 101 -7.65 5.44 -31.46
N GLU D 102 -6.54 6.09 -31.79
CA GLU D 102 -6.58 7.12 -32.82
C GLU D 102 -6.49 6.49 -34.20
N ASN D 103 -7.44 6.86 -35.05
CA ASN D 103 -7.52 6.38 -36.42
C ASN D 103 -7.39 4.86 -36.52
N GLY D 104 -8.27 4.15 -35.83
CA GLY D 104 -8.26 2.70 -35.88
C GLY D 104 -7.11 1.95 -35.22
N GLU D 105 -6.07 2.68 -34.80
CA GLU D 105 -4.92 2.05 -34.16
C GLU D 105 -4.75 2.55 -32.74
N VAL D 106 -4.68 1.64 -31.77
CA VAL D 106 -4.51 2.02 -30.38
C VAL D 106 -3.10 2.57 -30.13
N LYS D 107 -3.03 3.78 -29.58
CA LYS D 107 -1.77 4.45 -29.35
C LYS D 107 -1.49 4.72 -27.86
N LEU D 108 -2.33 4.20 -26.98
CA LEU D 108 -2.17 4.46 -25.57
C LEU D 108 -3.03 3.50 -24.76
N GLY D 109 -2.43 2.88 -23.74
CA GLY D 109 -3.21 1.95 -22.94
C GLY D 109 -2.90 2.05 -21.47
N VAL D 110 -3.93 2.00 -20.63
CA VAL D 110 -3.71 2.04 -19.19
C VAL D 110 -4.54 0.99 -18.45
N VAL D 111 -3.86 0.25 -17.58
CA VAL D 111 -4.50 -0.78 -16.79
C VAL D 111 -4.15 -0.53 -15.32
N HIS D 112 -5.18 -0.30 -14.53
CA HIS D 112 -5.01 -0.02 -13.12
C HIS D 112 -5.80 -0.99 -12.23
N ALA D 113 -5.05 -1.66 -11.36
CA ALA D 113 -5.58 -2.62 -10.39
C ALA D 113 -5.53 -1.84 -9.09
N PRO D 114 -6.68 -1.29 -8.69
CA PRO D 114 -6.84 -0.49 -7.47
C PRO D 114 -6.41 -1.22 -6.20
N ALA D 115 -6.90 -2.45 -6.01
CA ALA D 115 -6.58 -3.24 -4.81
C ALA D 115 -5.11 -3.64 -4.73
N LEU D 116 -4.44 -3.69 -5.87
CA LEU D 116 -3.03 -4.05 -5.92
C LEU D 116 -2.07 -2.85 -6.01
N ASN D 117 -2.60 -1.66 -6.31
CA ASN D 117 -1.75 -0.47 -6.46
C ASN D 117 -0.82 -0.63 -7.67
N GLU D 118 -1.35 -1.21 -8.74
CA GLU D 118 -0.55 -1.43 -9.92
C GLU D 118 -1.09 -0.71 -11.14
N THR D 119 -0.32 0.23 -11.63
CA THR D 119 -0.71 0.96 -12.80
C THR D 119 0.32 0.64 -13.86
N LEU D 120 -0.09 -0.18 -14.80
CA LEU D 120 0.76 -0.54 -15.92
C LEU D 120 0.18 0.24 -17.08
N TYR D 121 1.02 0.68 -18.01
CA TYR D 121 0.55 1.49 -19.12
C TYR D 121 1.59 1.63 -20.21
N ALA D 122 1.20 2.20 -21.35
CA ALA D 122 2.16 2.37 -22.44
C ALA D 122 1.61 3.24 -23.54
N GLU D 123 2.41 4.22 -23.96
CA GLU D 123 2.04 5.11 -25.04
C GLU D 123 2.88 4.65 -26.24
N GLU D 124 2.21 4.41 -27.36
CA GLU D 124 2.86 3.92 -28.57
C GLU D 124 4.08 4.71 -28.95
N GLY D 125 5.24 4.06 -28.89
CA GLY D 125 6.48 4.71 -29.23
C GLY D 125 7.37 5.09 -28.06
N SER D 126 6.87 4.98 -26.83
CA SER D 126 7.67 5.33 -25.66
C SER D 126 7.97 4.15 -24.72
N GLY D 127 7.45 2.96 -25.05
CA GLY D 127 7.67 1.78 -24.21
C GLY D 127 6.69 1.58 -23.06
N ALA D 128 6.75 0.41 -22.42
CA ALA D 128 5.85 0.10 -21.32
C ALA D 128 6.38 0.50 -19.94
N PHE D 129 5.48 0.92 -19.06
CA PHE D 129 5.83 1.33 -17.69
C PHE D 129 4.93 0.67 -16.65
N PHE D 130 5.35 0.79 -15.41
CA PHE D 130 4.63 0.23 -14.28
C PHE D 130 4.92 1.21 -13.15
N ASN D 131 3.93 2.01 -12.80
CA ASN D 131 4.07 3.02 -11.76
C ASN D 131 5.32 3.90 -11.96
N GLY D 132 5.65 4.20 -13.22
CA GLY D 132 6.82 5.03 -13.50
C GLY D 132 8.03 4.23 -13.91
N GLU D 133 8.21 3.05 -13.34
CA GLU D 133 9.32 2.14 -13.64
C GLU D 133 9.13 1.61 -15.04
N ARG D 134 10.22 1.29 -15.71
CA ARG D 134 10.11 0.76 -17.05
C ARG D 134 9.99 -0.75 -16.97
N ILE D 135 9.29 -1.37 -17.92
CA ILE D 135 9.13 -2.83 -17.93
C ILE D 135 9.29 -3.42 -19.33
N ARG D 136 9.71 -4.67 -19.38
CA ARG D 136 9.93 -5.40 -20.63
C ARG D 136 9.52 -6.85 -20.38
N VAL D 137 9.04 -7.54 -21.41
CA VAL D 137 8.62 -8.95 -21.26
C VAL D 137 9.77 -9.85 -20.75
N SER D 138 9.46 -11.08 -20.35
CA SER D 138 10.47 -12.00 -19.82
C SER D 138 11.46 -12.53 -20.84
N GLU D 139 12.48 -13.21 -20.33
CA GLU D 139 13.52 -13.78 -21.18
C GLU D 139 13.53 -15.29 -21.13
N ASN D 140 12.46 -15.88 -20.61
CA ASN D 140 12.38 -17.34 -20.53
C ASN D 140 12.10 -17.86 -21.92
N ALA D 141 13.10 -18.58 -22.44
CA ALA D 141 13.05 -19.11 -23.80
C ALA D 141 12.46 -20.51 -23.97
N SER D 142 12.19 -21.21 -22.87
CA SER D 142 11.60 -22.55 -22.95
C SER D 142 10.42 -22.67 -22.00
N LEU D 143 9.34 -23.29 -22.46
CA LEU D 143 8.13 -23.46 -21.66
C LEU D 143 8.37 -23.95 -20.23
N GLU D 144 9.37 -24.80 -20.04
CA GLU D 144 9.71 -25.33 -18.71
C GLU D 144 10.33 -24.23 -17.83
N GLU D 145 10.51 -23.06 -18.45
CA GLU D 145 11.10 -21.90 -17.78
C GLU D 145 10.01 -20.83 -17.61
N CYS D 146 8.82 -21.14 -18.11
CA CYS D 146 7.72 -20.21 -18.09
C CYS D 146 6.60 -20.46 -17.11
N VAL D 147 5.71 -19.47 -17.06
CA VAL D 147 4.48 -19.47 -16.26
C VAL D 147 3.44 -18.88 -17.23
N GLY D 148 2.58 -19.71 -17.78
CA GLY D 148 1.55 -19.23 -18.70
C GLY D 148 0.26 -18.95 -17.97
N SER D 149 -0.78 -18.54 -18.69
CA SER D 149 -2.04 -18.24 -18.04
C SER D 149 -3.20 -18.25 -19.01
N THR D 150 -4.40 -18.46 -18.49
CA THR D 150 -5.61 -18.51 -19.33
C THR D 150 -6.79 -17.85 -18.65
N GLY D 151 -7.87 -17.72 -19.40
CA GLY D 151 -9.11 -17.18 -18.87
C GLY D 151 -9.94 -18.40 -18.56
N SER D 152 -11.06 -18.27 -17.85
CA SER D 152 -11.90 -19.43 -17.52
C SER D 152 -12.94 -19.73 -18.60
N TYR D 153 -12.56 -20.53 -19.60
CA TYR D 153 -13.45 -20.88 -20.70
C TYR D 153 -14.04 -22.27 -20.51
N VAL D 154 -15.30 -22.42 -20.91
CA VAL D 154 -16.05 -23.66 -20.74
C VAL D 154 -15.45 -24.94 -21.31
N ASP D 155 -14.53 -24.82 -22.26
CA ASP D 155 -13.93 -26.03 -22.84
C ASP D 155 -12.46 -25.82 -23.02
N PHE D 156 -12.11 -24.63 -23.45
CA PHE D 156 -10.73 -24.28 -23.68
C PHE D 156 -9.85 -24.58 -22.48
N THR D 157 -10.11 -23.88 -21.37
CA THR D 157 -9.34 -24.01 -20.14
C THR D 157 -8.86 -25.41 -19.76
N GLY D 158 -9.77 -26.28 -19.30
CA GLY D 158 -9.39 -27.62 -18.91
C GLY D 158 -8.42 -28.29 -19.88
N LYS D 159 -8.70 -28.19 -21.17
CA LYS D 159 -7.83 -28.77 -22.21
C LYS D 159 -6.45 -28.14 -22.16
N PHE D 160 -6.41 -26.81 -22.24
CA PHE D 160 -5.17 -26.03 -22.19
C PHE D 160 -4.33 -26.38 -20.96
N ILE D 161 -4.99 -26.56 -19.82
CA ILE D 161 -4.32 -26.92 -18.57
C ILE D 161 -3.66 -28.26 -18.76
N GLU D 162 -4.41 -29.18 -19.36
CA GLU D 162 -3.93 -30.54 -19.61
C GLU D 162 -2.74 -30.62 -20.54
N ARG D 163 -2.87 -30.03 -21.73
CA ARG D 163 -1.80 -30.04 -22.71
C ARG D 163 -0.72 -28.99 -22.47
N MET D 164 -0.70 -28.39 -21.28
CA MET D 164 0.28 -27.35 -21.00
C MET D 164 0.94 -27.47 -19.62
N GLU D 165 0.35 -28.24 -18.72
CA GLU D 165 0.91 -28.35 -17.37
C GLU D 165 2.16 -29.18 -17.22
N LYS D 166 2.34 -30.17 -18.07
CA LYS D 166 3.54 -30.99 -18.01
C LYS D 166 4.65 -30.28 -18.77
N ARG D 167 4.25 -29.32 -19.60
CA ARG D 167 5.15 -28.53 -20.44
C ARG D 167 5.71 -27.26 -19.76
N THR D 168 5.09 -26.84 -18.66
CA THR D 168 5.51 -25.62 -17.99
C THR D 168 5.42 -25.68 -16.45
N ARG D 169 6.08 -24.74 -15.77
CA ARG D 169 6.06 -24.67 -14.30
C ARG D 169 4.64 -24.64 -13.75
N ARG D 170 3.85 -23.69 -14.23
CA ARG D 170 2.46 -23.54 -13.80
C ARG D 170 1.65 -22.69 -14.76
N ILE D 171 0.34 -22.91 -14.80
CA ILE D 171 -0.56 -22.12 -15.63
C ILE D 171 -1.47 -21.43 -14.63
N ARG D 172 -1.60 -20.11 -14.73
CA ARG D 172 -2.41 -19.35 -13.80
C ARG D 172 -3.73 -18.86 -14.38
N ILE D 173 -4.75 -18.80 -13.53
CA ILE D 173 -6.06 -18.29 -13.92
C ILE D 173 -6.32 -17.24 -12.86
N LEU D 174 -6.10 -15.98 -13.23
CA LEU D 174 -6.23 -14.86 -12.33
C LEU D 174 -7.59 -14.18 -12.21
N GLY D 175 -8.27 -14.00 -13.34
CA GLY D 175 -9.57 -13.37 -13.31
C GLY D 175 -9.68 -11.95 -13.83
N SER D 176 -8.62 -11.43 -14.44
CA SER D 176 -8.66 -10.09 -15.02
C SER D 176 -7.81 -10.03 -16.28
N ALA D 177 -8.46 -10.18 -17.42
CA ALA D 177 -7.82 -10.17 -18.73
C ALA D 177 -6.84 -9.03 -18.96
N ALA D 178 -7.30 -7.81 -18.69
CA ALA D 178 -6.46 -6.64 -18.86
C ALA D 178 -5.22 -6.71 -18.01
N LEU D 179 -5.37 -7.14 -16.76
CA LEU D 179 -4.22 -7.22 -15.87
C LEU D 179 -3.32 -8.37 -16.25
N ASN D 180 -3.92 -9.47 -16.68
CA ASN D 180 -3.16 -10.66 -17.07
C ASN D 180 -2.31 -10.39 -18.32
N ALA D 181 -2.84 -9.62 -19.27
CA ALA D 181 -2.10 -9.29 -20.48
C ALA D 181 -0.99 -8.30 -20.11
N ALA D 182 -1.31 -7.36 -19.23
CA ALA D 182 -0.34 -6.38 -18.80
C ALA D 182 0.80 -7.06 -18.07
N TYR D 183 0.49 -8.22 -17.49
CA TYR D 183 1.50 -8.99 -16.77
C TYR D 183 2.55 -9.60 -17.68
N VAL D 184 2.19 -9.96 -18.92
CA VAL D 184 3.20 -10.50 -19.81
C VAL D 184 4.17 -9.33 -20.11
N GLY D 185 3.60 -8.14 -20.33
CA GLY D 185 4.42 -6.97 -20.59
C GLY D 185 5.32 -6.67 -19.41
N ALA D 186 4.81 -6.90 -18.21
CA ALA D 186 5.57 -6.65 -16.98
C ALA D 186 6.59 -7.76 -16.78
N GLY D 187 6.40 -8.86 -17.50
CA GLY D 187 7.31 -9.97 -17.40
C GLY D 187 7.06 -10.84 -16.19
N ARG D 188 5.88 -10.68 -15.59
CA ARG D 188 5.53 -11.47 -14.41
C ARG D 188 4.98 -12.82 -14.86
N VAL D 189 4.57 -12.87 -16.13
CA VAL D 189 4.05 -14.07 -16.74
C VAL D 189 4.63 -14.12 -18.15
N ASP D 190 4.82 -15.32 -18.68
CA ASP D 190 5.43 -15.47 -20.00
C ASP D 190 4.49 -15.48 -21.20
N PHE D 191 3.23 -15.84 -20.98
CA PHE D 191 2.25 -15.80 -22.05
C PHE D 191 0.86 -15.84 -21.46
N PHE D 192 -0.11 -15.36 -22.23
CA PHE D 192 -1.49 -15.30 -21.78
C PHE D 192 -2.39 -15.49 -22.98
N VAL D 193 -3.33 -16.43 -22.89
CA VAL D 193 -4.25 -16.68 -24.00
C VAL D 193 -5.68 -16.38 -23.60
N THR D 194 -6.43 -15.77 -24.54
CA THR D 194 -7.80 -15.40 -24.30
C THR D 194 -8.67 -15.81 -25.49
N TRP D 195 -9.73 -16.55 -25.19
CA TRP D 195 -10.66 -17.06 -26.18
C TRP D 195 -12.02 -16.39 -25.99
N ARG D 196 -12.60 -15.88 -27.08
CA ARG D 196 -13.88 -15.15 -27.03
C ARG D 196 -13.56 -13.84 -26.32
N ILE D 197 -13.56 -12.72 -27.03
CA ILE D 197 -13.21 -11.48 -26.37
C ILE D 197 -13.68 -10.21 -27.07
N ASN D 198 -13.66 -9.10 -26.35
CA ASN D 198 -14.07 -7.81 -26.89
C ASN D 198 -12.95 -6.78 -26.77
N PRO D 199 -12.93 -5.77 -27.66
CA PRO D 199 -11.91 -4.72 -27.66
C PRO D 199 -11.56 -4.07 -26.31
N TRP D 200 -12.53 -3.98 -25.41
CA TRP D 200 -12.30 -3.35 -24.11
C TRP D 200 -11.62 -4.32 -23.15
N ASP D 201 -11.56 -5.59 -23.55
CA ASP D 201 -10.93 -6.61 -22.73
C ASP D 201 -9.43 -6.53 -22.89
N ILE D 202 -8.96 -6.32 -24.12
CA ILE D 202 -7.52 -6.29 -24.35
C ILE D 202 -6.89 -5.19 -25.23
N ALA D 203 -7.53 -4.04 -25.37
CA ALA D 203 -6.98 -2.95 -26.20
C ALA D 203 -5.74 -2.38 -25.51
N ALA D 204 -5.87 -2.12 -24.22
CA ALA D 204 -4.79 -1.57 -23.42
C ALA D 204 -3.68 -2.61 -23.22
N GLY D 205 -4.08 -3.88 -23.05
CA GLY D 205 -3.12 -4.94 -22.88
C GLY D 205 -2.29 -5.12 -24.14
N LEU D 206 -2.94 -4.99 -25.29
CA LEU D 206 -2.27 -5.11 -26.58
C LEU D 206 -1.05 -4.21 -26.67
N ILE D 207 -1.26 -2.89 -26.58
CA ILE D 207 -0.19 -1.90 -26.66
C ILE D 207 0.87 -2.04 -25.58
N ILE D 208 0.45 -2.35 -24.36
CA ILE D 208 1.41 -2.51 -23.27
C ILE D 208 2.40 -3.65 -23.57
N VAL D 209 1.89 -4.82 -23.96
CA VAL D 209 2.76 -5.96 -24.28
C VAL D 209 3.67 -5.66 -25.48
N LYS D 210 3.17 -4.89 -26.43
CA LYS D 210 3.95 -4.55 -27.61
C LYS D 210 5.04 -3.56 -27.26
N GLU D 211 4.68 -2.49 -26.56
CA GLU D 211 5.67 -1.54 -26.18
C GLU D 211 6.70 -2.19 -25.24
N ALA D 212 6.34 -3.35 -24.69
CA ALA D 212 7.22 -4.09 -23.78
C ALA D 212 8.08 -5.11 -24.50
N GLY D 213 8.04 -5.07 -25.83
CA GLY D 213 8.86 -5.96 -26.64
C GLY D 213 8.33 -7.36 -26.89
N GLY D 214 7.06 -7.63 -26.57
CA GLY D 214 6.50 -8.95 -26.78
C GLY D 214 5.62 -8.99 -28.02
N MET D 215 4.87 -10.08 -28.21
CA MET D 215 4.00 -10.16 -29.37
C MET D 215 2.58 -10.62 -29.04
N VAL D 216 1.64 -10.03 -29.76
CA VAL D 216 0.23 -10.31 -29.59
C VAL D 216 -0.34 -10.70 -30.95
N THR D 217 -0.77 -11.96 -31.07
CA THR D 217 -1.33 -12.42 -32.33
C THR D 217 -2.61 -13.19 -32.06
N ASP D 218 -3.40 -13.38 -33.11
CA ASP D 218 -4.63 -14.14 -32.98
C ASP D 218 -4.16 -15.59 -32.89
N PHE D 219 -5.09 -16.53 -32.77
CA PHE D 219 -4.69 -17.92 -32.66
C PHE D 219 -3.93 -18.42 -33.90
N SER D 220 -4.25 -17.82 -35.05
CA SER D 220 -3.62 -18.21 -36.32
C SER D 220 -2.16 -17.73 -36.47
N GLY D 221 -1.69 -16.96 -35.50
CA GLY D 221 -0.32 -16.48 -35.58
C GLY D 221 -0.26 -15.13 -36.26
N LYS D 222 -1.32 -14.78 -36.99
CA LYS D 222 -1.36 -13.48 -37.66
C LYS D 222 -1.43 -12.41 -36.59
N GLU D 223 -0.73 -11.30 -36.81
CA GLU D 223 -0.71 -10.18 -35.86
C GLU D 223 -2.12 -9.92 -35.34
N ALA D 224 -2.23 -9.20 -34.24
CA ALA D 224 -3.53 -8.90 -33.66
C ALA D 224 -3.71 -7.42 -33.39
N ASN D 225 -4.96 -6.96 -33.42
CA ASN D 225 -5.27 -5.56 -33.17
C ASN D 225 -6.48 -5.46 -32.23
N ALA D 226 -6.80 -4.24 -31.84
CA ALA D 226 -7.91 -3.98 -30.93
C ALA D 226 -9.15 -4.78 -31.31
N PHE D 227 -9.31 -5.06 -32.60
CA PHE D 227 -10.46 -5.81 -33.08
C PHE D 227 -10.15 -7.20 -33.65
N SER D 228 -10.22 -8.20 -32.76
CA SER D 228 -9.98 -9.61 -33.06
C SER D 228 -10.61 -10.33 -31.86
N LYS D 229 -10.88 -11.63 -31.96
CA LYS D 229 -11.48 -12.31 -30.83
C LYS D 229 -10.66 -13.46 -30.24
N ASN D 230 -9.48 -13.65 -30.83
CA ASN D 230 -8.57 -14.67 -30.37
C ASN D 230 -7.27 -13.95 -30.09
N PHE D 231 -6.73 -14.11 -28.90
CA PHE D 231 -5.51 -13.44 -28.57
C PHE D 231 -4.52 -14.30 -27.81
N ILE D 232 -3.25 -14.12 -28.15
CA ILE D 232 -2.18 -14.82 -27.48
C ILE D 232 -1.09 -13.79 -27.26
N PHE D 233 -0.85 -13.47 -26.00
CA PHE D 233 0.18 -12.51 -25.63
C PHE D 233 1.38 -13.30 -25.16
N SER D 234 2.58 -12.81 -25.48
CA SER D 234 3.78 -13.51 -25.05
C SER D 234 5.00 -12.61 -25.07
N ASN D 235 6.10 -13.16 -24.57
CA ASN D 235 7.37 -12.46 -24.54
C ASN D 235 8.03 -12.62 -25.91
N GLY D 236 7.32 -13.27 -26.84
CA GLY D 236 7.82 -13.46 -28.18
C GLY D 236 8.96 -14.45 -28.33
N LEU D 237 9.24 -15.23 -27.28
CA LEU D 237 10.31 -16.22 -27.31
C LEU D 237 9.77 -17.65 -27.26
N ILE D 238 8.49 -17.78 -26.98
CA ILE D 238 7.85 -19.08 -26.84
C ILE D 238 6.51 -19.03 -27.58
N HIS D 239 6.29 -17.92 -28.29
CA HIS D 239 5.03 -17.71 -29.01
C HIS D 239 4.58 -18.87 -29.90
N ASP D 240 5.46 -19.26 -30.82
CA ASP D 240 5.19 -20.35 -31.75
C ASP D 240 4.59 -21.59 -31.07
N GLU D 241 5.23 -22.07 -30.01
CA GLU D 241 4.76 -23.23 -29.28
C GLU D 241 3.35 -23.03 -28.74
N VAL D 242 3.12 -21.87 -28.13
CA VAL D 242 1.81 -21.59 -27.56
C VAL D 242 0.73 -21.67 -28.64
N VAL D 243 0.97 -21.00 -29.77
CA VAL D 243 -0.01 -21.03 -30.86
C VAL D 243 -0.28 -22.48 -31.22
N LYS D 244 0.75 -23.31 -31.08
CA LYS D 244 0.62 -24.72 -31.38
C LYS D 244 -0.48 -25.25 -30.48
N VAL D 245 -0.16 -25.38 -29.20
CA VAL D 245 -1.13 -25.91 -28.22
C VAL D 245 -2.51 -25.27 -28.37
N VAL D 246 -2.57 -23.94 -28.41
CA VAL D 246 -3.87 -23.28 -28.57
C VAL D 246 -4.69 -23.96 -29.68
N ASN D 247 -4.12 -24.03 -30.88
CA ASN D 247 -4.78 -24.66 -32.04
C ASN D 247 -5.20 -26.10 -31.76
N GLU D 248 -4.27 -26.89 -31.23
CA GLU D 248 -4.53 -28.28 -30.89
C GLU D 248 -5.79 -28.36 -30.03
N VAL D 249 -5.87 -27.51 -29.02
CA VAL D 249 -7.02 -27.48 -28.13
C VAL D 249 -8.29 -27.22 -28.92
N VAL D 250 -8.17 -26.41 -29.97
CA VAL D 250 -9.31 -26.07 -30.81
C VAL D 250 -9.78 -27.30 -31.59
N GLU D 251 -8.85 -28.22 -31.86
CA GLU D 251 -9.20 -29.42 -32.59
C GLU D 251 -9.92 -30.39 -31.67
N GLU D 252 -9.62 -30.32 -30.38
CA GLU D 252 -10.24 -31.22 -29.43
C GLU D 252 -11.71 -30.87 -29.22
N ILE D 253 -12.13 -29.71 -29.74
CA ILE D 253 -13.51 -29.26 -29.62
C ILE D 253 -14.20 -29.03 -30.97
N GLY D 254 -14.00 -27.87 -31.58
CA GLY D 254 -14.64 -27.61 -32.86
C GLY D 254 -14.35 -26.21 -33.40
N GLY D 255 -14.63 -25.99 -34.68
CA GLY D 255 -14.36 -24.69 -35.27
C GLY D 255 -14.62 -24.53 -36.77
N LYS D 256 -13.59 -24.78 -37.58
CA LYS D 256 -13.68 -24.64 -39.03
C LYS D 256 -13.43 -25.96 -39.78
#